data_8EYD
#
_entry.id   8EYD
#
_cell.length_a   75.367
_cell.length_b   109.095
_cell.length_c   118.104
_cell.angle_alpha   90.000
_cell.angle_beta   90.000
_cell.angle_gamma   90.000
#
_symmetry.space_group_name_H-M   'P 21 21 21'
#
loop_
_entity.id
_entity.type
_entity.pdbx_description
1 polymer 'M1 family aminopeptidase'
2 non-polymer GLYCEROL
3 non-polymer N-[(1R)-1-(4-bromophenyl)-2-(hydroxyamino)-2-oxoethyl]-N~2~-(4-fluorophenyl)glycinamide
4 non-polymer 'ZINC ION'
5 water water
#
_entity_poly.entity_id   1
_entity_poly.type   'polypeptide(L)'
_entity_poly.pdbx_seq_one_letter_code
;MEPKIHYRKDYKPSGFIINQVTLNINIHDQETIVRSVLDMDISKHNVGEDLVFDGVGLKINEISINNKKLVEGEEYTYDN
EFLTIFSKFVPKSKFAFSSEVIIHPETNYALTGLYKSKNIIVSQCEATGFRRITFFIDRPDMMAKYDVTVTADKEKYPVL
LSNGDKVNEFEIPGGRHGARFNDPPLKPCYLFAVVAGDLKHLSATYITKYTKKKVELYVFSEEKYVSKLQWALECLKKSM
AFDEDYFGLEYDLSRLNLVAVSDFNVGAMENKGLNIFNANSLLASKKNSIDFSYARILTVVGHEYFHQYTGNRVTLRDWF
QLTLKEGLTVHRENLFSEEMTKTVTTRLSHVDLLRSVQFLEDSSPLSHPIRPESYVSMENFYTTTVYDKGSEVMRMYLTI
LGEEYYKKGFDIYIKKNDGNTATCEDFNYAMEQAYKMKKADNSANLNQYLLWFSQSGTPHVSFKYNYDAEKKQYSIHVNQ
YTKPDENQKEKKPLFIPISVGLINPENGKEMISQTTLELTKESDTFVFNNIAVKPIPSLFRGFSAPVYIEDQLTDEERIL
LLKYDSDAFVRYNSCTNIYMKQILMNYNEFLKAKNEKLESFQLTPVNAQFIDAIKYLLEDPHADAGFKSYIVSLPQDRYI
INFVSNLDTDVLADTKEYIYKQIGDKLNDVYYKMFKSLEAKADDLTYFNDESHVDFDQMNMRTLRNTLLSLLSKAQYPNI
LNEIIEHSKSPYPSNWLTSLSVSAYFDKYFELYDKTYKLSKDDELLLQEWLKTVSRSDRKDIYEILKKLENEVLKDSKNP
NDIRAVYLPFTNNLRRFHDISGKGYKLIAEVITKTDKFNPMVATQLCEPFKLWNKLDTKRQELMLNEMNTMLQEPQISNN
LKEYLLRLTNKLHHHHHH
;
_entity_poly.pdbx_strand_id   A
#
# COMPACT_ATOMS: atom_id res chain seq x y z
N LYS A 4 10.28 -17.71 -18.59
CA LYS A 4 11.48 -17.83 -17.78
C LYS A 4 11.18 -17.53 -16.32
N ILE A 5 11.53 -18.47 -15.43
CA ILE A 5 11.27 -18.34 -14.00
C ILE A 5 12.59 -18.05 -13.31
N HIS A 6 12.63 -16.96 -12.53
CA HIS A 6 13.83 -16.59 -11.79
C HIS A 6 13.71 -17.14 -10.37
N TYR A 7 14.77 -17.75 -9.87
CA TYR A 7 14.79 -18.37 -8.56
C TYR A 7 15.77 -17.65 -7.64
N ARG A 8 15.33 -17.42 -6.40
CA ARG A 8 16.16 -16.73 -5.41
C ARG A 8 17.51 -17.41 -5.23
N LYS A 9 17.52 -18.74 -5.13
CA LYS A 9 18.76 -19.43 -4.82
C LYS A 9 19.77 -19.36 -5.96
N ASP A 10 19.35 -18.92 -7.14
CA ASP A 10 20.21 -18.90 -8.32
C ASP A 10 20.98 -17.59 -8.47
N TYR A 11 20.91 -16.68 -7.49
CA TYR A 11 21.59 -15.40 -7.66
C TYR A 11 23.08 -15.64 -7.90
N LYS A 12 23.64 -14.93 -8.89
CA LYS A 12 25.07 -14.93 -9.12
C LYS A 12 25.45 -13.57 -9.67
N PRO A 13 26.58 -13.00 -9.24
CA PRO A 13 27.00 -11.70 -9.79
C PRO A 13 27.28 -11.80 -11.29
N SER A 14 27.06 -10.68 -11.97
CA SER A 14 27.31 -10.57 -13.41
C SER A 14 28.77 -10.79 -13.73
N GLY A 15 29.04 -11.32 -14.94
CA GLY A 15 30.37 -11.32 -15.49
C GLY A 15 30.83 -9.99 -16.07
N PHE A 16 30.01 -8.94 -15.94
CA PHE A 16 30.34 -7.63 -16.47
C PHE A 16 30.20 -6.56 -15.39
N ILE A 17 30.83 -5.43 -15.64
CA ILE A 17 30.73 -4.25 -14.81
C ILE A 17 30.38 -3.07 -15.71
N ILE A 18 29.44 -2.24 -15.27
CA ILE A 18 29.13 -0.98 -15.91
C ILE A 18 29.54 0.12 -14.94
N ASN A 19 30.60 0.84 -15.28
CA ASN A 19 31.11 1.88 -14.39
C ASN A 19 30.47 3.23 -14.65
N GLN A 20 30.21 3.56 -15.91
CA GLN A 20 29.70 4.88 -16.23
C GLN A 20 28.66 4.80 -17.34
N VAL A 21 27.59 5.56 -17.16
CA VAL A 21 26.55 5.72 -18.16
C VAL A 21 26.56 7.19 -18.59
N THR A 22 26.69 7.43 -19.89
CA THR A 22 26.57 8.78 -20.43
C THR A 22 25.40 8.79 -21.40
N LEU A 23 24.31 9.47 -21.02
CA LEU A 23 23.06 9.48 -21.78
C LEU A 23 22.83 10.81 -22.49
N ASN A 24 22.31 10.72 -23.71
CA ASN A 24 21.77 11.87 -24.43
C ASN A 24 20.36 11.48 -24.82
N ILE A 25 19.37 12.17 -24.27
CA ILE A 25 17.95 11.87 -24.49
C ILE A 25 17.37 13.06 -25.25
N ASN A 26 17.09 12.87 -26.53
CA ASN A 26 16.65 13.97 -27.39
C ASN A 26 15.18 13.78 -27.72
N ILE A 27 14.33 14.63 -27.14
CA ILE A 27 12.88 14.49 -27.22
C ILE A 27 12.35 15.29 -28.40
N HIS A 28 11.65 14.62 -29.32
CA HIS A 28 11.03 15.25 -30.48
C HIS A 28 9.55 14.90 -30.51
N ASP A 29 8.81 15.58 -31.40
CA ASP A 29 7.36 15.45 -31.37
C ASP A 29 6.90 14.02 -31.66
N GLN A 30 7.55 13.35 -32.62
CA GLN A 30 7.14 12.02 -33.07
C GLN A 30 8.03 10.90 -32.56
N GLU A 31 9.13 11.22 -31.88
CA GLU A 31 10.04 10.18 -31.41
C GLU A 31 11.02 10.78 -30.40
N THR A 32 11.60 9.92 -29.60
CA THR A 32 12.71 10.30 -28.73
C THR A 32 13.91 9.44 -29.07
N ILE A 33 15.03 10.11 -29.33
CA ILE A 33 16.28 9.46 -29.70
C ILE A 33 17.14 9.36 -28.45
N VAL A 34 17.58 8.16 -28.10
CA VAL A 34 18.39 7.93 -26.91
C VAL A 34 19.75 7.40 -27.35
N ARG A 35 20.80 8.18 -27.09
CA ARG A 35 22.17 7.73 -27.29
C ARG A 35 22.80 7.44 -25.93
N SER A 36 23.56 6.35 -25.86
CA SER A 36 24.09 5.91 -24.58
C SER A 36 25.47 5.33 -24.79
N VAL A 37 26.42 5.79 -23.99
CA VAL A 37 27.76 5.20 -23.91
C VAL A 37 27.92 4.60 -22.54
N LEU A 38 28.26 3.31 -22.49
CA LEU A 38 28.46 2.57 -21.25
C LEU A 38 29.94 2.22 -21.14
N ASP A 39 30.61 2.74 -20.12
CA ASP A 39 32.01 2.42 -19.86
C ASP A 39 32.01 1.17 -19.01
N MET A 40 32.47 0.06 -19.60
CA MET A 40 32.24 -1.25 -19.01
C MET A 40 33.57 -1.92 -18.71
N ASP A 41 33.48 -3.01 -17.95
CA ASP A 41 34.62 -3.86 -17.70
C ASP A 41 34.17 -5.30 -17.61
N ILE A 42 35.14 -6.18 -17.56
CA ILE A 42 34.96 -7.60 -17.31
C ILE A 42 35.14 -7.84 -15.82
N SER A 43 34.21 -8.58 -15.20
CA SER A 43 34.31 -8.81 -13.77
C SER A 43 35.07 -10.10 -13.49
N LYS A 44 35.40 -10.29 -12.21
CA LYS A 44 36.11 -11.50 -11.79
C LYS A 44 35.27 -12.75 -11.96
N HIS A 45 33.96 -12.62 -12.17
CA HIS A 45 33.08 -13.75 -12.35
C HIS A 45 32.89 -14.12 -13.81
N ASN A 46 33.49 -13.36 -14.72
CA ASN A 46 33.34 -13.62 -16.14
C ASN A 46 34.00 -14.94 -16.53
N VAL A 47 33.32 -15.69 -17.41
CA VAL A 47 33.79 -17.00 -17.85
C VAL A 47 33.69 -17.10 -19.37
N GLY A 48 33.86 -15.97 -20.05
CA GLY A 48 33.86 -15.92 -21.50
C GLY A 48 32.50 -15.87 -22.14
N GLU A 49 31.44 -15.58 -21.39
CA GLU A 49 30.08 -15.62 -21.90
C GLU A 49 29.82 -14.47 -22.88
N ASP A 50 28.76 -14.65 -23.69
CA ASP A 50 28.23 -13.56 -24.50
C ASP A 50 27.87 -12.37 -23.61
N LEU A 51 27.92 -11.17 -24.19
CA LEU A 51 27.46 -9.96 -23.53
C LEU A 51 25.99 -9.77 -23.89
N VAL A 52 25.10 -9.96 -22.91
CA VAL A 52 23.66 -9.88 -23.12
C VAL A 52 23.12 -8.67 -22.37
N PHE A 53 22.50 -7.74 -23.10
CA PHE A 53 21.82 -6.59 -22.51
C PHE A 53 20.31 -6.81 -22.54
N ASP A 54 19.63 -6.31 -21.51
CA ASP A 54 18.20 -6.10 -21.59
C ASP A 54 17.89 -4.91 -22.47
N GLY A 55 16.85 -5.05 -23.29
CA GLY A 55 16.40 -3.97 -24.13
C GLY A 55 15.06 -4.35 -24.72
N VAL A 56 13.99 -3.67 -24.29
CA VAL A 56 12.63 -4.07 -24.63
C VAL A 56 12.01 -2.97 -25.46
N GLY A 57 11.60 -3.31 -26.69
CA GLY A 57 10.90 -2.37 -27.55
C GLY A 57 11.75 -1.27 -28.12
N LEU A 58 13.06 -1.46 -28.20
CA LEU A 58 13.96 -0.44 -28.71
C LEU A 58 14.11 -0.61 -30.22
N LYS A 59 14.18 0.51 -30.93
CA LYS A 59 14.47 0.53 -32.35
C LYS A 59 15.95 0.88 -32.51
N ILE A 60 16.75 -0.08 -32.96
CA ILE A 60 18.20 0.14 -33.05
C ILE A 60 18.52 0.97 -34.29
N ASN A 61 19.14 2.13 -34.08
CA ASN A 61 19.78 2.85 -35.16
C ASN A 61 21.19 2.33 -35.40
N GLU A 62 21.97 2.16 -34.32
CA GLU A 62 23.29 1.58 -34.43
C GLU A 62 23.76 1.16 -33.05
N ILE A 63 24.67 0.19 -33.02
CA ILE A 63 25.36 -0.18 -31.79
C ILE A 63 26.83 -0.38 -32.12
N SER A 64 27.68 -0.14 -31.12
CA SER A 64 29.13 -0.12 -31.35
C SER A 64 29.83 -0.62 -30.10
N ILE A 65 31.04 -1.16 -30.31
CA ILE A 65 31.97 -1.45 -29.22
C ILE A 65 33.29 -0.77 -29.56
N ASN A 66 33.72 0.14 -28.69
CA ASN A 66 34.96 0.90 -28.89
C ASN A 66 34.89 1.71 -30.17
N ASN A 67 33.74 2.35 -30.41
CA ASN A 67 33.52 3.27 -31.51
C ASN A 67 33.58 2.57 -32.86
N LYS A 68 33.49 1.24 -32.88
CA LYS A 68 33.37 0.45 -34.09
C LYS A 68 31.94 -0.10 -34.18
N LYS A 69 31.26 0.22 -35.28
CA LYS A 69 29.86 -0.14 -35.44
C LYS A 69 29.72 -1.65 -35.60
N LEU A 70 28.80 -2.27 -34.86
CA LEU A 70 28.59 -3.71 -34.90
C LEU A 70 27.59 -4.09 -35.99
N VAL A 71 27.75 -5.29 -36.51
CA VAL A 71 26.99 -5.76 -37.67
C VAL A 71 25.95 -6.76 -37.19
N GLU A 72 24.68 -6.48 -37.46
CA GLU A 72 23.62 -7.36 -37.01
C GLU A 72 23.74 -8.72 -37.68
N GLY A 73 23.42 -9.77 -36.93
CA GLY A 73 23.45 -11.13 -37.46
C GLY A 73 24.76 -11.88 -37.33
N GLU A 74 25.87 -11.24 -37.70
CA GLU A 74 27.17 -11.85 -37.56
C GLU A 74 27.78 -11.59 -36.18
N GLU A 75 27.59 -10.39 -35.64
CA GLU A 75 28.19 -10.00 -34.37
C GLU A 75 27.17 -9.76 -33.26
N TYR A 76 25.89 -9.72 -33.56
CA TYR A 76 24.90 -9.56 -32.50
C TYR A 76 23.52 -9.94 -33.03
N THR A 77 22.66 -10.36 -32.11
CA THR A 77 21.24 -10.57 -32.41
C THR A 77 20.42 -9.73 -31.45
N TYR A 78 19.25 -9.28 -31.91
CA TYR A 78 18.32 -8.55 -31.07
C TYR A 78 16.91 -9.04 -31.38
N ASP A 79 16.19 -9.47 -30.34
CA ASP A 79 14.87 -10.07 -30.49
C ASP A 79 13.77 -9.25 -29.84
N ASN A 80 14.00 -7.95 -29.64
CA ASN A 80 13.09 -6.99 -29.00
C ASN A 80 13.02 -7.17 -27.49
N GLU A 81 13.82 -8.05 -26.92
CA GLU A 81 13.90 -8.27 -25.49
C GLU A 81 15.33 -8.34 -24.98
N PHE A 82 16.23 -9.01 -25.72
CA PHE A 82 17.61 -9.17 -25.33
C PHE A 82 18.50 -8.85 -26.52
N LEU A 83 19.53 -8.04 -26.29
CA LEU A 83 20.58 -7.82 -27.26
C LEU A 83 21.73 -8.74 -26.87
N THR A 84 22.10 -9.66 -27.77
CA THR A 84 23.16 -10.63 -27.52
C THR A 84 24.34 -10.30 -28.43
N ILE A 85 25.45 -9.87 -27.83
CA ILE A 85 26.70 -9.66 -28.57
C ILE A 85 27.59 -10.87 -28.33
N PHE A 86 27.96 -11.59 -29.39
CA PHE A 86 28.61 -12.86 -29.19
C PHE A 86 30.02 -12.68 -28.62
N SER A 87 30.42 -13.67 -27.82
CA SER A 87 31.64 -13.59 -27.01
C SER A 87 32.85 -13.12 -27.82
N LYS A 88 33.05 -13.67 -29.01
CA LYS A 88 34.29 -13.39 -29.73
C LYS A 88 34.43 -11.92 -30.12
N PHE A 89 33.37 -11.12 -30.05
CA PHE A 89 33.49 -9.70 -30.33
C PHE A 89 33.41 -8.84 -29.07
N VAL A 90 33.46 -9.44 -27.90
CA VAL A 90 33.43 -8.71 -26.64
C VAL A 90 34.87 -8.52 -26.17
N PRO A 91 35.29 -7.31 -25.83
CA PRO A 91 36.67 -7.09 -25.37
C PRO A 91 36.92 -7.74 -24.02
N LYS A 92 38.21 -7.98 -23.74
CA LYS A 92 38.65 -8.65 -22.53
C LYS A 92 39.05 -7.69 -21.41
N SER A 93 39.15 -6.40 -21.69
CA SER A 93 39.43 -5.40 -20.66
C SER A 93 38.40 -4.28 -20.79
N LYS A 94 38.71 -3.14 -20.16
CA LYS A 94 37.81 -2.00 -20.20
C LYS A 94 37.45 -1.64 -21.64
N PHE A 95 36.17 -1.37 -21.87
CA PHE A 95 35.70 -1.06 -23.21
C PHE A 95 34.47 -0.17 -23.09
N ALA A 96 34.11 0.44 -24.21
CA ALA A 96 32.92 1.29 -24.29
C ALA A 96 31.91 0.60 -25.21
N PHE A 97 30.70 0.40 -24.71
CA PHE A 97 29.57 0.02 -25.54
C PHE A 97 28.73 1.27 -25.77
N SER A 98 28.31 1.49 -27.02
CA SER A 98 27.46 2.63 -27.32
C SER A 98 26.31 2.19 -28.22
N SER A 99 25.21 2.95 -28.14
CA SER A 99 24.05 2.64 -28.96
C SER A 99 23.26 3.91 -29.17
N GLU A 100 22.48 3.92 -30.25
CA GLU A 100 21.45 4.92 -30.47
C GLU A 100 20.17 4.19 -30.81
N VAL A 101 19.12 4.40 -30.00
CA VAL A 101 17.83 3.77 -30.21
C VAL A 101 16.76 4.85 -30.28
N ILE A 102 15.64 4.48 -30.88
CA ILE A 102 14.47 5.34 -30.94
C ILE A 102 13.39 4.71 -30.08
N ILE A 103 12.73 5.52 -29.26
CA ILE A 103 11.59 5.12 -28.45
C ILE A 103 10.50 6.17 -28.64
N HIS A 104 9.31 5.88 -28.13
CA HIS A 104 8.12 6.64 -28.48
C HIS A 104 7.28 6.88 -27.23
N PRO A 105 7.70 7.82 -26.37
CA PRO A 105 6.94 8.07 -25.13
C PRO A 105 5.48 8.40 -25.38
N GLU A 106 5.17 8.98 -26.53
CA GLU A 106 3.83 9.52 -26.75
C GLU A 106 2.82 8.40 -26.89
N THR A 107 3.25 7.23 -27.36
CA THR A 107 2.35 6.08 -27.47
C THR A 107 2.62 5.02 -26.41
N ASN A 108 3.39 5.34 -25.37
CA ASN A 108 3.72 4.39 -24.31
C ASN A 108 2.64 4.48 -23.23
N TYR A 109 1.56 3.71 -23.41
CA TYR A 109 0.44 3.74 -22.46
C TYR A 109 0.59 2.74 -21.32
N ALA A 110 1.66 1.95 -21.32
CA ALA A 110 1.93 1.07 -20.20
C ALA A 110 2.54 1.81 -19.02
N LEU A 111 3.05 3.03 -19.25
CA LEU A 111 3.55 3.90 -18.17
C LEU A 111 4.73 3.26 -17.45
N THR A 112 5.56 2.56 -18.21
CA THR A 112 6.82 2.04 -17.73
C THR A 112 7.87 2.36 -18.78
N GLY A 113 9.08 2.71 -18.33
CA GLY A 113 10.04 3.29 -19.26
C GLY A 113 9.86 4.79 -19.38
N LEU A 114 10.03 5.35 -20.57
CA LEU A 114 9.80 6.78 -20.78
C LEU A 114 8.44 6.98 -21.42
N TYR A 115 7.60 7.83 -20.82
CA TYR A 115 6.25 7.98 -21.34
C TYR A 115 5.76 9.41 -21.14
N LYS A 116 4.67 9.71 -21.85
CA LYS A 116 4.05 11.03 -21.83
C LYS A 116 2.79 10.96 -20.98
N SER A 117 2.70 11.80 -19.96
CA SER A 117 1.50 11.91 -19.15
C SER A 117 0.95 13.31 -19.41
N LYS A 118 -0.13 13.38 -20.19
CA LYS A 118 -0.68 14.66 -20.60
C LYS A 118 0.43 15.40 -21.34
N ASN A 119 0.94 16.52 -20.82
CA ASN A 119 1.99 17.25 -21.51
C ASN A 119 3.34 17.15 -20.80
N ILE A 120 3.52 16.15 -19.94
CA ILE A 120 4.77 15.94 -19.21
C ILE A 120 5.40 14.64 -19.71
N ILE A 121 6.68 14.69 -20.06
CA ILE A 121 7.45 13.49 -20.32
C ILE A 121 8.04 13.04 -18.99
N VAL A 122 7.95 11.75 -18.71
CA VAL A 122 8.37 11.26 -17.39
C VAL A 122 8.77 9.79 -17.54
N SER A 123 9.67 9.34 -16.67
CA SER A 123 10.12 7.95 -16.67
C SER A 123 9.59 7.22 -15.43
N GLN A 124 9.49 5.90 -15.57
CA GLN A 124 9.29 5.00 -14.43
C GLN A 124 10.15 3.78 -14.68
N CYS A 125 11.21 3.61 -13.90
CA CYS A 125 12.15 2.54 -14.21
C CYS A 125 12.05 1.33 -13.27
N GLU A 126 11.63 1.50 -12.04
CA GLU A 126 11.43 0.32 -11.21
C GLU A 126 10.21 -0.46 -11.72
N ALA A 127 10.34 -1.79 -11.80
CA ALA A 127 11.55 -2.59 -11.57
C ALA A 127 12.38 -2.79 -12.84
N THR A 128 11.70 -3.00 -13.97
CA THR A 128 12.34 -3.36 -15.22
C THR A 128 12.09 -2.33 -16.33
N GLY A 129 11.95 -1.06 -15.98
CA GLY A 129 11.65 -0.08 -17.01
C GLY A 129 12.85 0.59 -17.67
N PHE A 130 14.01 0.59 -17.03
CA PHE A 130 15.17 1.24 -17.67
C PHE A 130 15.53 0.59 -19.00
N ARG A 131 15.34 -0.74 -19.11
CA ARG A 131 15.60 -1.44 -20.37
C ARG A 131 14.63 -1.05 -21.49
N ARG A 132 13.54 -0.35 -21.16
CA ARG A 132 12.65 0.20 -22.17
C ARG A 132 13.10 1.57 -22.67
N ILE A 133 14.17 2.12 -22.07
CA ILE A 133 14.74 3.40 -22.51
C ILE A 133 16.03 3.19 -23.29
N THR A 134 16.89 2.27 -22.84
CA THR A 134 18.13 1.98 -23.54
C THR A 134 18.64 0.62 -23.07
N PHE A 135 19.66 0.12 -23.75
CA PHE A 135 20.23 -1.17 -23.39
C PHE A 135 20.94 -1.11 -22.03
N PHE A 136 20.75 -2.13 -21.22
CA PHE A 136 21.43 -2.17 -19.92
C PHE A 136 21.41 -3.60 -19.39
N ILE A 137 22.30 -3.87 -18.43
CA ILE A 137 22.17 -5.06 -17.60
C ILE A 137 21.25 -4.65 -16.45
N ASP A 138 19.96 -4.77 -16.69
CA ASP A 138 18.92 -4.08 -15.93
C ASP A 138 18.56 -4.89 -14.69
N ARG A 139 19.42 -4.78 -13.68
CA ARG A 139 19.28 -5.45 -12.40
C ARG A 139 19.96 -4.59 -11.34
N PRO A 140 19.46 -4.59 -10.10
CA PRO A 140 19.86 -3.54 -9.15
C PRO A 140 21.28 -3.68 -8.61
N ASP A 141 21.99 -4.79 -8.84
CA ASP A 141 23.37 -4.86 -8.37
C ASP A 141 24.36 -4.29 -9.37
N MET A 142 23.89 -3.80 -10.52
CA MET A 142 24.79 -3.14 -11.48
C MET A 142 24.80 -1.63 -11.22
N MET A 143 25.68 -1.22 -10.30
CA MET A 143 25.81 0.18 -9.90
C MET A 143 26.77 0.94 -10.79
N ALA A 144 26.37 2.15 -11.17
CA ALA A 144 27.16 2.94 -12.10
C ALA A 144 26.95 4.42 -11.80
N LYS A 145 27.86 5.23 -12.34
CA LYS A 145 27.75 6.68 -12.37
C LYS A 145 26.95 7.11 -13.61
N TYR A 146 26.20 8.21 -13.48
CA TYR A 146 25.31 8.68 -14.54
C TYR A 146 25.60 10.12 -14.92
N ASP A 147 25.78 10.37 -16.21
CA ASP A 147 25.92 11.72 -16.76
C ASP A 147 24.86 11.83 -17.84
N VAL A 148 23.84 12.66 -17.62
CA VAL A 148 22.60 12.62 -18.42
C VAL A 148 22.34 13.99 -19.04
N THR A 149 22.21 14.02 -20.37
CA THR A 149 21.81 15.21 -21.10
C THR A 149 20.42 15.00 -21.69
N VAL A 150 19.54 15.96 -21.47
CA VAL A 150 18.19 15.95 -22.02
C VAL A 150 18.03 17.19 -22.90
N THR A 151 17.49 17.00 -24.11
CA THR A 151 17.12 18.14 -24.95
C THR A 151 15.67 18.00 -25.40
N ALA A 152 15.05 19.15 -25.68
CA ALA A 152 13.62 19.17 -26.01
C ALA A 152 13.27 20.55 -26.56
N ASP A 153 12.10 20.63 -27.19
CA ASP A 153 11.50 21.91 -27.53
C ASP A 153 11.33 22.75 -26.26
N LYS A 154 11.85 23.98 -26.30
CA LYS A 154 11.88 24.80 -25.09
C LYS A 154 10.50 25.31 -24.71
N GLU A 155 9.68 25.66 -25.71
CA GLU A 155 8.33 26.15 -25.43
C GLU A 155 7.49 25.08 -24.72
N LYS A 156 7.49 23.85 -25.25
CA LYS A 156 6.70 22.78 -24.63
C LYS A 156 7.35 22.23 -23.35
N TYR A 157 8.68 22.21 -23.26
CA TYR A 157 9.37 21.54 -22.16
C TYR A 157 10.40 22.45 -21.51
N PRO A 158 9.98 23.57 -20.91
CA PRO A 158 10.96 24.50 -20.34
C PRO A 158 11.69 23.93 -19.14
N VAL A 159 11.09 22.99 -18.42
CA VAL A 159 11.66 22.46 -17.19
C VAL A 159 12.17 21.06 -17.47
N LEU A 160 13.48 20.88 -17.30
CA LEU A 160 14.18 19.61 -17.54
C LEU A 160 14.80 19.15 -16.23
N LEU A 161 14.53 17.90 -15.83
CA LEU A 161 15.05 17.37 -14.57
C LEU A 161 15.58 15.95 -14.77
N SER A 162 16.69 15.65 -14.10
CA SER A 162 17.16 14.29 -13.93
C SER A 162 17.85 14.22 -12.57
N ASN A 163 18.47 13.08 -12.26
CA ASN A 163 19.19 12.92 -10.99
C ASN A 163 20.45 13.76 -10.96
N GLY A 164 20.87 14.15 -9.77
CA GLY A 164 22.17 14.79 -9.61
C GLY A 164 22.10 16.29 -9.78
N ASP A 165 23.27 16.88 -10.01
CA ASP A 165 23.38 18.31 -10.15
C ASP A 165 23.22 18.72 -11.61
N LYS A 166 22.45 19.77 -11.85
CA LYS A 166 22.41 20.37 -13.18
C LYS A 166 23.70 21.12 -13.40
N VAL A 167 24.50 20.69 -14.37
CA VAL A 167 25.83 21.26 -14.57
C VAL A 167 25.94 22.10 -15.83
N ASN A 168 24.98 22.00 -16.74
CA ASN A 168 24.98 22.86 -17.91
C ASN A 168 23.55 23.02 -18.42
N GLU A 169 23.25 24.22 -18.91
CA GLU A 169 22.01 24.53 -19.62
C GLU A 169 22.42 25.26 -20.89
N PHE A 170 21.79 24.95 -22.01
CA PHE A 170 22.25 25.52 -23.27
C PHE A 170 21.12 25.57 -24.28
N GLU A 171 21.23 26.50 -25.23
CA GLU A 171 20.27 26.65 -26.31
C GLU A 171 20.68 25.82 -27.52
N ILE A 172 19.68 25.45 -28.32
CA ILE A 172 19.86 24.57 -29.47
C ILE A 172 19.06 25.14 -30.64
N PRO A 173 19.61 25.24 -31.83
CA PRO A 173 18.88 25.83 -32.96
C PRO A 173 17.56 25.12 -33.22
N GLY A 174 16.60 25.88 -33.73
CA GLY A 174 15.28 25.34 -33.97
C GLY A 174 14.33 25.38 -32.79
N GLY A 175 14.59 26.22 -31.80
CA GLY A 175 13.67 26.37 -30.68
C GLY A 175 13.85 25.36 -29.56
N ARG A 176 15.00 24.70 -29.49
CA ARG A 176 15.23 23.65 -28.51
C ARG A 176 16.21 24.14 -27.45
N HIS A 177 16.41 23.31 -26.44
CA HIS A 177 17.36 23.61 -25.38
C HIS A 177 17.72 22.32 -24.68
N GLY A 178 18.82 22.36 -23.92
CA GLY A 178 19.29 21.17 -23.24
C GLY A 178 19.72 21.48 -21.82
N ALA A 179 19.83 20.41 -21.04
CA ALA A 179 20.37 20.50 -19.69
C ALA A 179 21.13 19.21 -19.40
N ARG A 180 22.28 19.35 -18.77
CA ARG A 180 23.15 18.24 -18.42
C ARG A 180 23.15 18.07 -16.91
N PHE A 181 22.94 16.83 -16.47
CA PHE A 181 22.90 16.45 -15.06
C PHE A 181 23.97 15.41 -14.80
N ASN A 182 24.85 15.67 -13.85
CA ASN A 182 25.88 14.71 -13.48
C ASN A 182 25.64 14.24 -12.07
N ASP A 183 25.57 12.92 -11.89
CA ASP A 183 25.21 12.28 -10.61
C ASP A 183 26.34 11.30 -10.28
N PRO A 184 27.42 11.77 -9.68
CA PRO A 184 28.61 10.92 -9.51
C PRO A 184 28.39 9.72 -8.59
N PRO A 185 27.58 9.81 -7.52
CA PRO A 185 27.43 8.63 -6.66
C PRO A 185 26.79 7.46 -7.40
N LEU A 186 27.30 6.26 -7.12
CA LEU A 186 26.79 5.06 -7.76
C LEU A 186 25.32 4.85 -7.45
N LYS A 187 24.56 4.35 -8.42
CA LYS A 187 23.18 3.98 -8.17
C LYS A 187 22.77 2.86 -9.10
N PRO A 188 21.78 2.05 -8.72
CA PRO A 188 21.17 1.11 -9.67
C PRO A 188 20.30 1.85 -10.66
N CYS A 189 20.10 1.23 -11.82
CA CYS A 189 19.41 1.93 -12.91
C CYS A 189 17.92 2.14 -12.63
N TYR A 190 17.32 1.38 -11.71
CA TYR A 190 15.90 1.60 -11.45
C TYR A 190 15.65 2.92 -10.72
N LEU A 191 16.70 3.57 -10.23
CA LEU A 191 16.58 4.86 -9.57
C LEU A 191 16.83 6.03 -10.51
N PHE A 192 17.20 5.77 -11.76
CA PHE A 192 17.29 6.83 -12.75
C PHE A 192 15.91 7.42 -13.03
N ALA A 193 15.87 8.73 -13.28
CA ALA A 193 14.63 9.36 -13.69
C ALA A 193 14.93 10.59 -14.53
N VAL A 194 14.00 10.90 -15.43
CA VAL A 194 14.03 12.13 -16.19
C VAL A 194 12.60 12.67 -16.27
N VAL A 195 12.47 13.99 -16.25
CA VAL A 195 11.18 14.69 -16.35
C VAL A 195 11.36 15.88 -17.27
N ALA A 196 10.43 16.08 -18.20
CA ALA A 196 10.44 17.30 -19.02
C ALA A 196 9.01 17.81 -19.12
N GLY A 197 8.81 19.12 -18.94
CA GLY A 197 7.47 19.65 -19.07
C GLY A 197 7.40 21.11 -18.70
N ASP A 198 6.20 21.66 -18.86
CA ASP A 198 5.94 23.05 -18.49
C ASP A 198 5.49 23.10 -17.03
N LEU A 199 6.45 22.82 -16.15
CA LEU A 199 6.16 22.60 -14.74
C LEU A 199 6.21 23.91 -13.95
N LYS A 200 5.31 24.05 -12.99
CA LYS A 200 5.35 25.14 -12.02
C LYS A 200 5.66 24.55 -10.65
N HIS A 201 6.21 25.36 -9.76
CA HIS A 201 6.71 24.79 -8.51
C HIS A 201 6.42 25.70 -7.32
N LEU A 202 6.48 25.08 -6.15
CA LEU A 202 6.72 25.74 -4.87
C LEU A 202 8.08 25.27 -4.36
N SER A 203 8.75 26.11 -3.57
CA SER A 203 10.07 25.70 -3.09
C SER A 203 10.32 26.23 -1.69
N ALA A 204 11.27 25.58 -1.00
CA ALA A 204 11.70 25.98 0.33
C ALA A 204 13.14 25.53 0.53
N THR A 205 13.77 26.09 1.55
CA THR A 205 15.11 25.68 1.96
C THR A 205 15.04 25.01 3.32
N TYR A 206 15.59 23.81 3.42
CA TYR A 206 15.67 23.07 4.67
C TYR A 206 17.13 23.04 5.13
N ILE A 207 17.37 23.31 6.41
CA ILE A 207 18.72 23.24 6.99
C ILE A 207 18.78 22.00 7.87
N THR A 208 19.68 21.07 7.53
CA THR A 208 19.73 19.80 8.25
C THR A 208 20.13 20.03 9.71
N LYS A 209 19.80 19.03 10.54
CA LYS A 209 19.88 19.20 11.99
C LYS A 209 21.31 19.27 12.50
N TYR A 210 22.20 18.41 11.98
CA TYR A 210 23.53 18.26 12.55
C TYR A 210 24.62 18.93 11.73
N THR A 211 24.65 18.72 10.41
CA THR A 211 25.68 19.34 9.60
C THR A 211 25.27 20.70 9.06
N LYS A 212 24.04 21.15 9.32
CA LYS A 212 23.56 22.47 8.92
C LYS A 212 23.66 22.68 7.42
N LYS A 213 23.51 21.60 6.65
CA LYS A 213 23.52 21.70 5.19
C LYS A 213 22.22 22.32 4.70
N LYS A 214 22.33 23.21 3.72
CA LYS A 214 21.16 23.81 3.08
C LYS A 214 20.68 22.88 1.96
N VAL A 215 19.43 22.45 2.04
CA VAL A 215 18.83 21.56 1.06
C VAL A 215 17.70 22.32 0.40
N GLU A 216 17.74 22.47 -0.92
CA GLU A 216 16.64 23.10 -1.63
C GLU A 216 15.54 22.07 -1.88
N LEU A 217 14.31 22.41 -1.53
CA LEU A 217 13.16 21.55 -1.75
C LEU A 217 12.26 22.14 -2.83
N TYR A 218 11.96 21.34 -3.85
CA TYR A 218 11.07 21.77 -4.93
C TYR A 218 9.95 20.76 -5.09
N VAL A 219 8.71 21.25 -5.21
CA VAL A 219 7.55 20.42 -5.53
C VAL A 219 6.92 20.98 -6.80
N PHE A 220 6.68 20.11 -7.79
CA PHE A 220 6.28 20.52 -9.13
C PHE A 220 4.94 19.92 -9.53
N SER A 221 4.18 20.69 -10.32
CA SER A 221 3.01 20.13 -10.99
C SER A 221 2.77 20.92 -12.28
N GLU A 222 1.78 20.47 -13.04
CA GLU A 222 1.31 21.32 -14.12
C GLU A 222 0.74 22.61 -13.55
N GLU A 223 0.74 23.65 -14.38
CA GLU A 223 0.38 24.99 -13.94
C GLU A 223 -1.00 25.07 -13.32
N LYS A 224 -1.98 24.34 -13.89
CA LYS A 224 -3.35 24.39 -13.40
C LYS A 224 -3.44 24.08 -11.91
N TYR A 225 -2.60 23.18 -11.42
CA TYR A 225 -2.76 22.63 -10.09
C TYR A 225 -1.65 23.05 -9.13
N VAL A 226 -0.88 24.09 -9.48
CA VAL A 226 0.25 24.47 -8.63
C VAL A 226 -0.22 24.88 -7.24
N SER A 227 -1.45 25.39 -7.11
CA SER A 227 -1.99 25.76 -5.80
C SER A 227 -2.30 24.56 -4.91
N LYS A 228 -2.12 23.33 -5.40
CA LYS A 228 -2.40 22.14 -4.61
C LYS A 228 -1.13 21.52 -4.06
N LEU A 229 0.01 22.22 -4.15
CA LEU A 229 1.30 21.68 -3.77
C LEU A 229 1.70 21.98 -2.32
N GLN A 230 0.94 22.81 -1.60
CA GLN A 230 1.49 23.33 -0.34
C GLN A 230 1.58 22.25 0.75
N TRP A 231 0.59 21.36 0.85
CA TRP A 231 0.64 20.34 1.90
C TRP A 231 1.81 19.39 1.68
N ALA A 232 2.04 18.99 0.42
CA ALA A 232 3.17 18.10 0.10
C ALA A 232 4.50 18.69 0.55
N LEU A 233 4.71 19.98 0.35
CA LEU A 233 5.96 20.60 0.77
C LEU A 233 6.10 20.55 2.28
N GLU A 234 5.02 20.87 3.01
CA GLU A 234 5.03 20.72 4.47
C GLU A 234 5.30 19.29 4.89
N CYS A 235 4.69 18.31 4.20
CA CYS A 235 4.92 16.91 4.55
C CYS A 235 6.38 16.52 4.33
N LEU A 236 7.01 17.07 3.29
CA LEU A 236 8.42 16.77 3.05
C LEU A 236 9.29 17.28 4.19
N LYS A 237 9.07 18.53 4.61
CA LYS A 237 9.81 19.07 5.76
C LYS A 237 9.62 18.19 6.98
N LYS A 238 8.37 17.73 7.21
CA LYS A 238 8.11 16.87 8.36
C LYS A 238 8.87 15.55 8.27
N SER A 239 8.93 14.97 7.07
CA SER A 239 9.60 13.68 6.89
C SER A 239 11.08 13.81 7.17
N MET A 240 11.66 14.89 6.66
CA MET A 240 13.07 15.17 6.87
C MET A 240 13.36 15.30 8.35
N ALA A 241 12.51 16.05 9.07
CA ALA A 241 12.72 16.26 10.50
C ALA A 241 12.59 14.96 11.28
N PHE A 242 11.64 14.10 10.86
CA PHE A 242 11.42 12.86 11.59
C PHE A 242 12.60 11.91 11.45
N ASP A 243 13.15 11.78 10.24
CA ASP A 243 14.32 10.92 10.09
C ASP A 243 15.49 11.46 10.91
N GLU A 244 15.59 12.78 11.00
CA GLU A 244 16.60 13.40 11.85
C GLU A 244 16.35 13.09 13.32
N ASP A 245 15.11 13.26 13.78
CA ASP A 245 14.80 13.20 15.19
C ASP A 245 14.74 11.77 15.71
N TYR A 246 14.07 10.87 14.98
CA TYR A 246 13.97 9.48 15.44
C TYR A 246 15.23 8.69 15.13
N PHE A 247 15.74 8.80 13.90
CA PHE A 247 16.83 7.96 13.43
C PHE A 247 18.17 8.66 13.36
N GLY A 248 18.22 9.98 13.55
CA GLY A 248 19.49 10.68 13.48
C GLY A 248 20.03 10.80 12.08
N LEU A 249 19.17 10.74 11.07
CA LEU A 249 19.58 10.66 9.67
C LEU A 249 19.25 11.95 8.93
N GLU A 250 20.25 12.55 8.29
CA GLU A 250 20.04 13.76 7.50
C GLU A 250 20.09 13.44 6.02
N TYR A 251 19.44 14.29 5.24
CA TYR A 251 19.53 14.23 3.79
C TYR A 251 20.94 14.60 3.34
N ASP A 252 21.44 13.92 2.31
CA ASP A 252 22.83 14.06 1.88
C ASP A 252 23.01 14.87 0.61
N LEU A 253 21.94 15.23 -0.09
CA LEU A 253 22.08 15.93 -1.37
C LEU A 253 21.66 17.39 -1.23
N SER A 254 22.06 18.19 -2.22
N SER A 254 22.06 18.20 -2.21
CA SER A 254 21.79 19.62 -2.18
CA SER A 254 21.78 19.62 -2.16
C SER A 254 20.37 19.98 -2.60
C SER A 254 20.34 19.96 -2.51
N ARG A 255 19.63 19.05 -3.18
CA ARG A 255 18.30 19.36 -3.68
C ARG A 255 17.47 18.10 -3.71
N LEU A 256 16.17 18.25 -3.47
CA LEU A 256 15.21 17.16 -3.59
C LEU A 256 13.98 17.69 -4.33
N ASN A 257 13.64 17.05 -5.45
CA ASN A 257 12.51 17.42 -6.29
C ASN A 257 11.41 16.38 -6.12
N LEU A 258 10.17 16.85 -5.91
CA LEU A 258 8.97 16.01 -6.01
C LEU A 258 8.14 16.49 -7.19
N VAL A 259 7.67 15.55 -8.03
CA VAL A 259 6.93 15.91 -9.24
C VAL A 259 5.64 15.10 -9.30
N ALA A 260 4.52 15.80 -9.50
CA ALA A 260 3.23 15.13 -9.69
C ALA A 260 2.95 14.95 -11.17
N VAL A 261 2.49 13.76 -11.54
CA VAL A 261 2.00 13.50 -12.90
C VAL A 261 0.63 12.83 -12.80
N SER A 262 -0.16 13.01 -13.85
CA SER A 262 -1.55 12.56 -13.84
C SER A 262 -1.70 11.06 -14.11
N ASP A 263 -0.78 10.48 -14.88
CA ASP A 263 -0.84 9.09 -15.29
C ASP A 263 0.29 8.32 -14.59
N PHE A 264 -0.07 7.48 -13.63
CA PHE A 264 0.97 6.78 -12.86
C PHE A 264 0.39 5.44 -12.40
N ASN A 265 1.20 4.38 -12.50
CA ASN A 265 0.69 3.04 -12.19
C ASN A 265 0.46 2.83 -10.71
N VAL A 266 1.26 3.48 -9.85
CA VAL A 266 1.19 3.22 -8.43
C VAL A 266 1.05 4.56 -7.71
N GLY A 267 1.52 4.64 -6.47
CA GLY A 267 1.41 5.86 -5.70
C GLY A 267 2.54 6.86 -5.93
N ALA A 268 3.79 6.42 -5.84
CA ALA A 268 4.94 7.30 -6.10
C ALA A 268 6.20 6.44 -6.18
N MET A 269 7.34 7.07 -6.48
CA MET A 269 8.55 6.30 -6.77
C MET A 269 9.75 7.13 -6.29
N GLU A 270 10.72 6.47 -5.66
CA GLU A 270 11.78 7.14 -4.90
C GLU A 270 13.03 7.46 -5.74
N ASN A 271 12.93 7.80 -7.02
CA ASN A 271 14.13 8.11 -7.81
C ASN A 271 14.99 9.15 -7.10
N LYS A 272 16.31 8.90 -7.05
CA LYS A 272 17.19 9.68 -6.18
C LYS A 272 17.13 11.16 -6.52
N GLY A 273 16.71 11.98 -5.56
CA GLY A 273 16.61 13.41 -5.71
C GLY A 273 15.49 13.88 -6.61
N LEU A 274 14.71 12.97 -7.19
CA LEU A 274 13.68 13.28 -8.17
C LEU A 274 12.51 12.32 -7.97
N ASN A 275 11.82 12.45 -6.83
CA ASN A 275 10.72 11.55 -6.54
C ASN A 275 9.53 11.92 -7.41
N ILE A 276 8.86 10.92 -7.98
CA ILE A 276 7.78 11.17 -8.91
C ILE A 276 6.53 10.52 -8.34
N PHE A 277 5.41 11.24 -8.39
CA PHE A 277 4.20 10.88 -7.66
C PHE A 277 3.01 10.81 -8.60
N ASN A 278 2.15 9.81 -8.38
CA ASN A 278 0.76 9.95 -8.79
C ASN A 278 0.23 11.27 -8.25
N ALA A 279 -0.37 12.07 -9.14
CA ALA A 279 -0.95 13.33 -8.67
C ALA A 279 -1.89 13.14 -7.47
N ASN A 280 -2.63 12.03 -7.42
CA ASN A 280 -3.53 11.85 -6.27
C ASN A 280 -2.79 11.61 -4.96
N SER A 281 -1.48 11.42 -4.98
CA SER A 281 -0.70 11.25 -3.76
C SER A 281 0.26 12.42 -3.52
N LEU A 282 0.10 13.54 -4.22
CA LEU A 282 0.90 14.73 -3.95
C LEU A 282 0.05 15.99 -3.83
N LEU A 283 -1.04 16.08 -4.60
CA LEU A 283 -1.80 17.32 -4.75
C LEU A 283 -3.07 17.31 -3.90
N ALA A 284 -3.30 18.40 -3.18
CA ALA A 284 -4.57 18.55 -2.47
C ALA A 284 -4.85 20.02 -2.21
N SER A 285 -6.14 20.32 -2.05
CA SER A 285 -6.56 21.58 -1.45
C SER A 285 -7.86 21.30 -0.70
N LYS A 286 -8.15 22.16 0.26
CA LYS A 286 -9.32 21.87 1.09
C LYS A 286 -10.63 21.98 0.30
N LYS A 287 -10.65 22.82 -0.73
CA LYS A 287 -11.84 22.97 -1.55
C LYS A 287 -12.03 21.79 -2.50
N ASN A 288 -10.95 21.16 -2.96
CA ASN A 288 -11.03 20.23 -4.08
C ASN A 288 -10.52 18.83 -3.74
N SER A 289 -10.36 18.48 -2.46
CA SER A 289 -9.90 17.15 -2.07
C SER A 289 -10.70 16.64 -0.88
N ILE A 290 -10.89 15.32 -0.83
CA ILE A 290 -11.48 14.73 0.36
C ILE A 290 -10.41 14.64 1.45
N ASP A 291 -10.88 14.44 2.68
CA ASP A 291 -9.97 14.40 3.83
C ASP A 291 -8.89 13.33 3.66
N PHE A 292 -9.23 12.19 3.07
CA PHE A 292 -8.29 11.08 3.00
C PHE A 292 -7.01 11.52 2.27
N SER A 293 -7.11 12.50 1.37
CA SER A 293 -5.93 12.96 0.62
C SER A 293 -4.82 13.45 1.55
N TYR A 294 -5.16 14.02 2.70
CA TYR A 294 -4.14 14.61 3.56
C TYR A 294 -3.26 13.56 4.21
N ALA A 295 -3.86 12.51 4.78
CA ALA A 295 -3.06 11.39 5.28
C ALA A 295 -2.34 10.67 4.15
N ARG A 296 -2.95 10.60 2.97
CA ARG A 296 -2.31 9.89 1.87
C ARG A 296 -1.03 10.61 1.41
N ILE A 297 -1.11 11.92 1.19
CA ILE A 297 0.08 12.70 0.80
C ILE A 297 1.14 12.62 1.89
N LEU A 298 0.74 12.78 3.16
CA LEU A 298 1.70 12.67 4.25
C LEU A 298 2.46 11.35 4.19
N THR A 299 1.74 10.23 4.05
CA THR A 299 2.40 8.93 4.11
C THR A 299 3.20 8.64 2.84
N VAL A 300 2.71 9.07 1.67
CA VAL A 300 3.45 8.77 0.44
C VAL A 300 4.68 9.64 0.30
N VAL A 301 4.57 10.94 0.61
CA VAL A 301 5.78 11.77 0.67
C VAL A 301 6.76 11.21 1.68
N GLY A 302 6.27 10.89 2.87
CA GLY A 302 7.17 10.33 3.87
C GLY A 302 7.81 9.05 3.37
N HIS A 303 7.00 8.17 2.78
CA HIS A 303 7.49 6.90 2.30
C HIS A 303 8.63 7.08 1.30
N GLU A 304 8.42 7.91 0.28
CA GLU A 304 9.49 8.09 -0.71
C GLU A 304 10.72 8.75 -0.09
N TYR A 305 10.53 9.65 0.88
CA TYR A 305 11.70 10.26 1.54
C TYR A 305 12.49 9.24 2.34
N PHE A 306 11.80 8.37 3.07
CA PHE A 306 12.51 7.39 3.91
C PHE A 306 13.28 6.39 3.06
N HIS A 307 12.87 6.18 1.81
CA HIS A 307 13.66 5.38 0.89
C HIS A 307 15.05 5.93 0.68
N GLN A 308 15.27 7.23 0.89
CA GLN A 308 16.61 7.76 0.57
C GLN A 308 17.69 6.98 1.33
N TYR A 309 17.40 6.58 2.57
CA TYR A 309 18.28 5.64 3.26
C TYR A 309 17.93 4.18 2.98
N THR A 310 16.66 3.80 3.17
CA THR A 310 16.28 2.39 3.11
C THR A 310 15.78 2.08 1.70
N GLY A 311 16.76 1.92 0.79
CA GLY A 311 16.49 1.66 -0.60
C GLY A 311 17.49 2.34 -1.52
N ASN A 312 17.82 3.60 -1.27
CA ASN A 312 18.71 4.37 -2.15
C ASN A 312 20.16 4.38 -1.68
N ARG A 313 20.41 4.66 -0.40
CA ARG A 313 21.78 4.62 0.10
C ARG A 313 22.20 3.20 0.46
N VAL A 314 21.35 2.47 1.18
CA VAL A 314 21.48 1.02 1.31
C VAL A 314 20.55 0.42 0.28
N THR A 315 21.09 -0.29 -0.69
CA THR A 315 20.26 -0.77 -1.80
C THR A 315 20.13 -2.30 -1.78
N LEU A 316 19.40 -2.82 -2.77
CA LEU A 316 19.13 -4.26 -2.85
C LEU A 316 20.16 -4.99 -3.72
N ARG A 317 20.59 -6.17 -3.26
CA ARG A 317 21.42 -7.04 -4.08
C ARG A 317 20.66 -7.57 -5.29
N ASP A 318 19.40 -7.91 -5.08
CA ASP A 318 18.56 -8.54 -6.08
C ASP A 318 17.12 -8.28 -5.68
N TRP A 319 16.19 -8.54 -6.61
CA TRP A 319 14.80 -8.18 -6.38
C TRP A 319 14.12 -9.06 -5.34
N PHE A 320 14.67 -10.23 -5.04
CA PHE A 320 14.05 -11.06 -4.00
C PHE A 320 14.17 -10.41 -2.63
N GLN A 321 15.10 -9.47 -2.45
CA GLN A 321 15.22 -8.70 -1.23
C GLN A 321 14.24 -7.52 -1.15
N LEU A 322 13.25 -7.44 -2.05
CA LEU A 322 12.39 -6.25 -2.12
C LEU A 322 11.87 -5.80 -0.76
N THR A 323 11.44 -6.74 0.10
CA THR A 323 10.85 -6.37 1.38
C THR A 323 11.85 -5.62 2.27
N LEU A 324 13.15 -5.84 2.04
CA LEU A 324 14.16 -5.12 2.81
C LEU A 324 14.08 -3.61 2.61
N LYS A 325 13.73 -3.15 1.40
CA LYS A 325 13.45 -1.72 1.28
C LYS A 325 11.97 -1.39 1.40
N GLU A 326 11.05 -2.24 0.94
CA GLU A 326 9.65 -1.81 0.99
C GLU A 326 9.01 -2.08 2.35
N GLY A 327 9.17 -3.27 2.91
CA GLY A 327 8.67 -3.49 4.26
C GLY A 327 9.28 -2.54 5.27
N LEU A 328 10.59 -2.29 5.16
CA LEU A 328 11.26 -1.43 6.13
C LEU A 328 10.84 0.03 5.94
N THR A 329 10.66 0.47 4.69
CA THR A 329 10.22 1.84 4.45
C THR A 329 8.75 2.04 4.85
N VAL A 330 7.89 1.04 4.63
CA VAL A 330 6.53 1.17 5.17
C VAL A 330 6.55 1.27 6.69
N HIS A 331 7.42 0.48 7.35
CA HIS A 331 7.54 0.58 8.81
C HIS A 331 7.99 1.98 9.22
N ARG A 332 8.97 2.55 8.53
CA ARG A 332 9.41 3.90 8.85
C ARG A 332 8.29 4.92 8.57
N GLU A 333 7.62 4.77 7.43
CA GLU A 333 6.39 5.50 7.11
C GLU A 333 5.33 5.43 8.21
N ASN A 334 5.08 4.24 8.75
CA ASN A 334 4.06 4.09 9.77
C ASN A 334 4.46 4.76 11.08
N LEU A 335 5.74 4.62 11.50
CA LEU A 335 6.20 5.33 12.69
C LEU A 335 6.02 6.83 12.51
N PHE A 336 6.36 7.33 11.32
CA PHE A 336 6.25 8.77 11.03
C PHE A 336 4.79 9.22 11.11
N SER A 337 3.90 8.49 10.46
CA SER A 337 2.52 8.92 10.44
CA SER A 337 2.47 8.83 10.41
C SER A 337 1.87 8.82 11.81
N GLU A 338 2.20 7.79 12.58
CA GLU A 338 1.69 7.74 13.96
C GLU A 338 2.14 8.96 14.76
N GLU A 339 3.39 9.39 14.57
CA GLU A 339 3.90 10.54 15.30
C GLU A 339 3.28 11.84 14.80
N MET A 340 3.06 11.97 13.48
CA MET A 340 2.47 13.19 12.94
C MET A 340 0.98 13.33 13.26
N THR A 341 0.22 12.24 13.18
CA THR A 341 -1.22 12.39 13.32
C THR A 341 -1.66 12.42 14.77
N LYS A 342 -0.91 11.74 15.64
CA LYS A 342 -1.23 11.62 17.05
C LYS A 342 -2.67 11.13 17.29
N THR A 343 -3.15 10.23 16.43
CA THR A 343 -4.48 9.63 16.60
C THR A 343 -4.31 8.12 16.69
N VAL A 344 -5.05 7.46 17.59
CA VAL A 344 -4.96 5.99 17.64
C VAL A 344 -5.47 5.34 16.36
N THR A 345 -6.32 6.00 15.57
CA THR A 345 -6.84 5.33 14.38
C THR A 345 -5.78 5.13 13.31
N THR A 346 -4.65 5.84 13.37
CA THR A 346 -3.58 5.61 12.41
C THR A 346 -3.08 4.17 12.47
N ARG A 347 -2.69 3.72 13.67
CA ARG A 347 -2.24 2.32 13.78
C ARG A 347 -3.40 1.36 13.48
N LEU A 348 -4.60 1.67 13.98
CA LEU A 348 -5.74 0.80 13.71
C LEU A 348 -6.00 0.67 12.21
N SER A 349 -5.83 1.75 11.45
CA SER A 349 -6.07 1.67 10.01
C SER A 349 -5.05 0.75 9.33
N HIS A 350 -3.79 0.72 9.79
CA HIS A 350 -2.81 -0.21 9.24
CA HIS A 350 -2.86 -0.22 9.18
C HIS A 350 -3.20 -1.66 9.53
N VAL A 351 -3.60 -1.93 10.77
CA VAL A 351 -4.01 -3.28 11.14
C VAL A 351 -5.24 -3.69 10.34
N ASP A 352 -6.18 -2.77 10.18
CA ASP A 352 -7.40 -3.05 9.43
C ASP A 352 -7.08 -3.45 8.00
N LEU A 353 -6.13 -2.75 7.38
CA LEU A 353 -5.65 -3.10 6.04
C LEU A 353 -5.00 -4.49 6.02
N LEU A 354 -4.08 -4.74 6.95
CA LEU A 354 -3.36 -6.01 6.93
C LEU A 354 -4.32 -7.18 7.08
N ARG A 355 -5.22 -7.11 8.07
CA ARG A 355 -6.06 -8.26 8.39
C ARG A 355 -7.20 -8.47 7.40
N SER A 356 -7.49 -7.49 6.55
CA SER A 356 -8.46 -7.71 5.47
C SER A 356 -7.72 -8.13 4.21
N VAL A 357 -6.98 -7.20 3.61
CA VAL A 357 -6.39 -7.43 2.30
C VAL A 357 -5.22 -8.43 2.38
N GLN A 358 -4.31 -8.25 3.34
CA GLN A 358 -3.12 -9.10 3.31
C GLN A 358 -3.41 -10.49 3.84
N PHE A 359 -4.26 -10.63 4.86
CA PHE A 359 -4.63 -11.98 5.30
C PHE A 359 -5.32 -12.75 4.19
N LEU A 360 -6.20 -12.08 3.43
CA LEU A 360 -6.83 -12.74 2.29
C LEU A 360 -5.78 -13.25 1.30
N GLU A 361 -4.83 -12.40 0.95
CA GLU A 361 -3.77 -12.81 0.04
C GLU A 361 -3.00 -14.02 0.60
N ASP A 362 -2.71 -14.01 1.91
CA ASP A 362 -1.89 -15.05 2.50
C ASP A 362 -2.60 -16.39 2.63
N SER A 363 -3.93 -16.42 2.55
CA SER A 363 -4.67 -17.67 2.51
C SER A 363 -5.17 -18.01 1.11
N SER A 364 -4.76 -17.23 0.11
CA SER A 364 -5.15 -17.45 -1.28
C SER A 364 -4.09 -18.26 -2.00
N PRO A 365 -4.39 -18.74 -3.22
CA PRO A 365 -3.34 -19.44 -4.00
C PRO A 365 -2.15 -18.55 -4.31
N LEU A 366 -2.30 -17.24 -4.19
CA LEU A 366 -1.19 -16.32 -4.40
C LEU A 366 -0.27 -16.18 -3.20
N SER A 367 -0.55 -16.88 -2.10
CA SER A 367 0.26 -16.74 -0.88
C SER A 367 1.75 -16.94 -1.15
N HIS A 368 2.57 -16.07 -0.57
CA HIS A 368 4.01 -16.09 -0.72
C HIS A 368 4.63 -15.54 0.56
N PRO A 369 5.87 -15.91 0.86
CA PRO A 369 6.58 -15.27 1.98
C PRO A 369 6.98 -13.86 1.58
N ILE A 370 7.37 -13.06 2.57
CA ILE A 370 7.74 -11.69 2.28
C ILE A 370 9.02 -11.64 1.46
N ARG A 371 9.82 -12.70 1.48
CA ARG A 371 10.90 -12.88 0.52
C ARG A 371 10.56 -14.06 -0.38
N PRO A 372 9.99 -13.83 -1.56
CA PRO A 372 9.57 -14.95 -2.41
C PRO A 372 10.75 -15.75 -2.92
N GLU A 373 10.44 -16.97 -3.37
CA GLU A 373 11.46 -17.87 -3.88
C GLU A 373 11.62 -17.81 -5.39
N SER A 374 10.64 -17.26 -6.10
CA SER A 374 10.69 -17.24 -7.56
C SER A 374 9.69 -16.23 -8.07
N TYR A 375 9.95 -15.73 -9.29
CA TYR A 375 9.01 -14.88 -10.00
C TYR A 375 9.22 -15.04 -11.51
N VAL A 376 8.18 -14.65 -12.26
CA VAL A 376 8.26 -14.46 -13.70
C VAL A 376 8.31 -12.97 -14.02
N SER A 377 7.29 -12.24 -13.58
CA SER A 377 7.26 -10.77 -13.67
C SER A 377 7.47 -10.21 -12.27
N MET A 378 8.57 -9.49 -12.07
CA MET A 378 8.85 -8.99 -10.73
C MET A 378 7.81 -7.94 -10.32
N GLU A 379 7.15 -7.29 -11.30
CA GLU A 379 6.11 -6.33 -10.95
C GLU A 379 4.95 -7.00 -10.23
N ASN A 380 4.74 -8.30 -10.44
CA ASN A 380 3.69 -8.99 -9.71
C ASN A 380 3.99 -9.19 -8.23
N PHE A 381 5.21 -8.92 -7.76
CA PHE A 381 5.45 -9.16 -6.35
C PHE A 381 5.61 -7.88 -5.53
N TYR A 382 5.11 -6.76 -6.05
CA TYR A 382 4.91 -5.56 -5.24
C TYR A 382 3.55 -5.68 -4.57
N THR A 383 3.52 -6.45 -3.48
CA THR A 383 2.27 -6.95 -2.93
C THR A 383 2.07 -6.44 -1.51
N THR A 384 0.82 -6.53 -1.04
CA THR A 384 0.56 -6.24 0.36
C THR A 384 1.32 -7.18 1.29
N THR A 385 1.63 -8.40 0.83
CA THR A 385 2.48 -9.26 1.66
C THR A 385 3.87 -8.65 1.82
N VAL A 386 4.54 -8.34 0.70
CA VAL A 386 5.89 -7.79 0.77
C VAL A 386 5.92 -6.46 1.50
N TYR A 387 4.88 -5.62 1.27
CA TYR A 387 4.87 -4.28 1.85
C TYR A 387 4.37 -4.27 3.29
N ASP A 388 3.17 -4.80 3.51
CA ASP A 388 2.49 -4.60 4.80
C ASP A 388 2.80 -5.72 5.79
N LYS A 389 2.81 -6.98 5.38
CA LYS A 389 3.35 -7.97 6.29
C LYS A 389 4.84 -7.73 6.49
N GLY A 390 5.55 -7.33 5.43
CA GLY A 390 6.94 -6.94 5.61
C GLY A 390 7.11 -5.86 6.68
N SER A 391 6.24 -4.86 6.66
N SER A 391 6.24 -4.84 6.64
CA SER A 391 6.35 -3.78 7.64
CA SER A 391 6.33 -3.78 7.65
C SER A 391 6.04 -4.28 9.05
C SER A 391 6.06 -4.30 9.04
N GLU A 392 5.09 -5.21 9.19
CA GLU A 392 4.83 -5.78 10.51
C GLU A 392 6.00 -6.63 11.00
N VAL A 393 6.69 -7.33 10.08
CA VAL A 393 7.90 -8.06 10.45
C VAL A 393 9.01 -7.07 10.84
N MET A 394 9.12 -5.96 10.13
CA MET A 394 10.10 -4.95 10.52
C MET A 394 9.72 -4.29 11.83
N ARG A 395 8.43 -4.10 12.08
CA ARG A 395 7.98 -3.52 13.35
C ARG A 395 8.23 -4.45 14.55
N MET A 396 8.19 -5.76 14.35
CA MET A 396 8.31 -6.66 15.48
C MET A 396 9.72 -6.56 16.08
N TYR A 397 10.73 -6.24 15.28
CA TYR A 397 12.06 -5.99 15.84
C TYR A 397 12.02 -4.88 16.88
N LEU A 398 11.29 -3.80 16.57
CA LEU A 398 11.17 -2.70 17.53
C LEU A 398 10.41 -3.15 18.77
N THR A 399 9.36 -3.94 18.60
CA THR A 399 8.63 -4.45 19.77
C THR A 399 9.54 -5.33 20.63
N ILE A 400 10.33 -6.19 20.00
CA ILE A 400 11.20 -7.10 20.74
C ILE A 400 12.30 -6.34 21.45
N LEU A 401 12.91 -5.37 20.76
CA LEU A 401 14.10 -4.72 21.28
C LEU A 401 13.81 -3.53 22.18
N GLY A 402 12.66 -2.89 22.01
CA GLY A 402 12.45 -1.60 22.63
C GLY A 402 13.11 -0.49 21.81
N GLU A 403 12.69 0.74 22.08
CA GLU A 403 13.08 1.85 21.22
C GLU A 403 14.58 2.09 21.25
N GLU A 404 15.20 1.97 22.42
CA GLU A 404 16.63 2.29 22.51
C GLU A 404 17.48 1.30 21.74
N TYR A 405 17.29 0.00 21.97
CA TYR A 405 18.09 -1.00 21.27
C TYR A 405 17.66 -1.17 19.82
N TYR A 406 16.39 -0.90 19.51
CA TYR A 406 16.00 -0.89 18.10
C TYR A 406 16.79 0.18 17.34
N LYS A 407 16.82 1.40 17.88
CA LYS A 407 17.58 2.47 17.22
C LYS A 407 19.06 2.12 17.12
N LYS A 408 19.59 1.42 18.13
CA LYS A 408 20.98 1.00 18.02
C LYS A 408 21.19 0.00 16.90
N GLY A 409 20.28 -0.98 16.78
CA GLY A 409 20.42 -1.94 15.72
C GLY A 409 20.20 -1.33 14.34
N PHE A 410 19.26 -0.41 14.24
CA PHE A 410 19.00 0.21 12.94
C PHE A 410 20.21 1.01 12.49
N ASP A 411 20.84 1.72 13.43
CA ASP A 411 22.03 2.48 13.05
C ASP A 411 23.17 1.56 12.68
N ILE A 412 23.32 0.41 13.35
CA ILE A 412 24.29 -0.59 12.93
C ILE A 412 24.07 -0.97 11.47
N TYR A 413 22.80 -1.21 11.09
CA TYR A 413 22.49 -1.61 9.72
C TYR A 413 22.85 -0.51 8.73
N ILE A 414 22.55 0.74 9.07
CA ILE A 414 22.84 1.85 8.16
C ILE A 414 24.35 2.04 8.03
N LYS A 415 25.06 2.07 9.16
CA LYS A 415 26.49 2.36 9.09
C LYS A 415 27.24 1.25 8.37
N LYS A 416 26.84 0.00 8.57
CA LYS A 416 27.60 -1.09 8.00
C LYS A 416 27.31 -1.26 6.51
N ASN A 417 26.12 -0.87 6.04
CA ASN A 417 25.74 -1.12 4.66
C ASN A 417 25.55 0.13 3.81
N ASP A 418 25.73 1.33 4.37
CA ASP A 418 25.64 2.56 3.60
C ASP A 418 26.47 2.47 2.32
N GLY A 419 25.88 2.86 1.20
CA GLY A 419 26.59 2.84 -0.05
C GLY A 419 26.79 1.48 -0.67
N ASN A 420 26.19 0.43 -0.12
CA ASN A 420 26.35 -0.92 -0.63
C ASN A 420 24.98 -1.56 -0.83
N THR A 421 24.98 -2.69 -1.57
CA THR A 421 23.81 -3.57 -1.64
C THR A 421 23.70 -4.37 -0.36
N ALA A 422 22.49 -4.86 -0.09
CA ALA A 422 22.27 -5.63 1.13
C ALA A 422 21.15 -6.64 0.89
N THR A 423 21.04 -7.59 1.83
CA THR A 423 20.05 -8.65 1.81
C THR A 423 19.31 -8.67 3.13
N CYS A 424 18.22 -9.43 3.19
CA CYS A 424 17.43 -9.50 4.42
C CYS A 424 18.27 -9.98 5.60
N GLU A 425 19.19 -10.92 5.36
CA GLU A 425 20.12 -11.35 6.41
C GLU A 425 20.94 -10.22 7.00
N ASP A 426 21.40 -9.26 6.18
CA ASP A 426 22.17 -8.14 6.74
C ASP A 426 21.35 -7.39 7.78
N PHE A 427 20.06 -7.13 7.50
CA PHE A 427 19.23 -6.47 8.49
C PHE A 427 19.06 -7.32 9.75
N ASN A 428 18.77 -8.61 9.58
CA ASN A 428 18.59 -9.47 10.75
C ASN A 428 19.87 -9.51 11.58
N TYR A 429 21.01 -9.51 10.91
CA TYR A 429 22.30 -9.49 11.59
C TYR A 429 22.44 -8.27 12.48
N ALA A 430 22.12 -7.10 11.92
CA ALA A 430 22.23 -5.86 12.69
C ALA A 430 21.28 -5.87 13.89
N MET A 431 20.05 -6.37 13.71
CA MET A 431 19.15 -6.48 14.85
C MET A 431 19.64 -7.49 15.86
N GLU A 432 20.27 -8.56 15.38
CA GLU A 432 20.80 -9.57 16.30
C GLU A 432 21.88 -8.98 17.20
N GLN A 433 22.71 -8.07 16.66
CA GLN A 433 23.71 -7.43 17.50
C GLN A 433 23.06 -6.65 18.62
N ALA A 434 21.99 -5.91 18.31
CA ALA A 434 21.25 -5.20 19.35
C ALA A 434 20.58 -6.18 20.32
N TYR A 435 20.11 -7.32 19.79
CA TYR A 435 19.50 -8.32 20.66
C TYR A 435 20.50 -8.84 21.68
N LYS A 436 21.71 -9.15 21.20
CA LYS A 436 22.78 -9.60 22.10
C LYS A 436 23.07 -8.55 23.16
N MET A 437 23.16 -7.28 22.77
CA MET A 437 23.36 -6.21 23.73
C MET A 437 22.21 -6.15 24.72
N LYS A 438 20.97 -6.24 24.24
CA LYS A 438 19.81 -6.11 25.12
C LYS A 438 19.73 -7.26 26.12
N LYS A 439 19.90 -8.49 25.65
CA LYS A 439 19.88 -9.66 26.54
C LYS A 439 21.12 -9.74 27.43
N ALA A 440 22.16 -8.95 27.17
CA ALA A 440 23.47 -9.10 27.79
C ALA A 440 23.93 -10.56 27.70
N ASP A 441 24.10 -11.01 26.46
CA ASP A 441 24.30 -12.41 26.13
C ASP A 441 24.79 -12.57 24.71
N ASN A 442 26.10 -12.63 24.50
CA ASN A 442 26.56 -12.75 23.12
C ASN A 442 26.22 -14.10 22.50
N SER A 443 25.67 -15.04 23.26
CA SER A 443 25.17 -16.28 22.70
C SER A 443 23.76 -16.16 22.15
N ALA A 444 23.04 -15.09 22.50
CA ALA A 444 21.68 -14.92 22.03
C ALA A 444 21.68 -14.67 20.52
N ASN A 445 20.67 -15.18 19.84
CA ASN A 445 20.61 -15.01 18.40
C ASN A 445 19.16 -14.86 17.97
N LEU A 446 19.00 -14.44 16.71
CA LEU A 446 17.71 -14.30 16.06
C LEU A 446 17.61 -15.19 14.83
N ASN A 447 18.28 -16.35 14.86
CA ASN A 447 18.24 -17.25 13.71
C ASN A 447 16.80 -17.70 13.42
N GLN A 448 16.03 -17.96 14.47
CA GLN A 448 14.63 -18.35 14.27
C GLN A 448 13.83 -17.22 13.64
N TYR A 449 14.24 -15.97 13.90
CA TYR A 449 13.49 -14.84 13.36
C TYR A 449 13.48 -14.84 11.84
N LEU A 450 14.50 -15.43 11.22
CA LEU A 450 14.58 -15.45 9.77
C LEU A 450 13.41 -16.18 9.12
N LEU A 451 12.72 -17.04 9.87
CA LEU A 451 11.57 -17.72 9.30
C LEU A 451 10.46 -16.76 8.91
N TRP A 452 10.40 -15.57 9.54
CA TRP A 452 9.44 -14.57 9.12
C TRP A 452 9.65 -14.16 7.68
N PHE A 453 10.89 -14.32 7.16
CA PHE A 453 11.14 -13.94 5.78
C PHE A 453 10.81 -15.05 4.81
N SER A 454 10.89 -16.31 5.25
CA SER A 454 10.80 -17.44 4.33
C SER A 454 9.50 -18.22 4.43
N GLN A 455 8.75 -18.09 5.52
CA GLN A 455 7.55 -18.90 5.73
C GLN A 455 6.32 -18.09 5.35
N SER A 456 5.52 -18.64 4.43
CA SER A 456 4.29 -17.98 4.02
C SER A 456 3.16 -18.37 4.96
N GLY A 457 2.04 -17.65 4.85
CA GLY A 457 0.85 -17.95 5.62
C GLY A 457 0.79 -17.19 6.93
N THR A 458 -0.45 -17.03 7.45
CA THR A 458 -0.69 -16.28 8.67
C THR A 458 -0.66 -17.23 9.87
N PRO A 459 0.18 -17.01 10.88
CA PRO A 459 0.09 -17.88 12.07
C PRO A 459 -1.20 -17.64 12.83
N HIS A 460 -1.68 -18.69 13.49
CA HIS A 460 -2.82 -18.64 14.38
C HIS A 460 -2.33 -18.78 15.82
N VAL A 461 -2.69 -17.87 16.68
CA VAL A 461 -2.23 -17.93 18.06
C VAL A 461 -3.46 -18.03 18.97
N SER A 462 -3.50 -19.08 19.79
CA SER A 462 -4.67 -19.31 20.64
C SER A 462 -4.24 -19.46 22.10
N PHE A 463 -5.22 -19.29 22.99
CA PHE A 463 -4.94 -19.11 24.41
C PHE A 463 -5.89 -19.95 25.26
N LYS A 464 -5.36 -20.40 26.39
CA LYS A 464 -6.17 -20.87 27.51
C LYS A 464 -5.59 -20.29 28.78
N TYR A 465 -6.43 -20.19 29.82
CA TYR A 465 -6.06 -19.46 31.02
C TYR A 465 -6.35 -20.30 32.26
N ASN A 466 -5.60 -20.01 33.32
CA ASN A 466 -5.85 -20.62 34.62
C ASN A 466 -5.53 -19.59 35.70
N TYR A 467 -6.40 -19.50 36.71
CA TYR A 467 -6.17 -18.61 37.84
C TYR A 467 -6.40 -19.39 39.12
N ASP A 468 -5.38 -19.44 39.96
CA ASP A 468 -5.50 -20.02 41.28
C ASP A 468 -5.68 -18.90 42.30
N ALA A 469 -6.90 -18.77 42.84
CA ALA A 469 -7.21 -17.64 43.70
C ALA A 469 -6.44 -17.70 45.00
N GLU A 470 -6.24 -18.90 45.54
CA GLU A 470 -5.49 -19.05 46.79
C GLU A 470 -4.00 -18.77 46.59
N LYS A 471 -3.44 -19.20 45.45
CA LYS A 471 -2.02 -18.96 45.18
C LYS A 471 -1.74 -17.59 44.58
N LYS A 472 -2.78 -16.86 44.17
CA LYS A 472 -2.62 -15.58 43.47
C LYS A 472 -1.76 -15.76 42.22
N GLN A 473 -1.99 -16.85 41.50
CA GLN A 473 -1.12 -17.28 40.41
C GLN A 473 -1.93 -17.42 39.13
N TYR A 474 -1.50 -16.74 38.07
CA TYR A 474 -2.23 -16.67 36.83
C TYR A 474 -1.35 -17.24 35.72
N SER A 475 -1.96 -18.05 34.83
CA SER A 475 -1.23 -18.69 33.74
C SER A 475 -1.90 -18.39 32.41
N ILE A 476 -1.08 -18.06 31.41
CA ILE A 476 -1.52 -17.92 30.04
C ILE A 476 -0.83 -19.03 29.23
N HIS A 477 -1.61 -20.01 28.76
CA HIS A 477 -1.09 -21.05 27.90
CA HIS A 477 -1.11 -21.07 27.90
C HIS A 477 -1.33 -20.66 26.44
N VAL A 478 -0.26 -20.67 25.65
CA VAL A 478 -0.30 -20.12 24.30
C VAL A 478 0.12 -21.19 23.30
N ASN A 479 -0.60 -21.26 22.19
CA ASN A 479 -0.28 -22.18 21.10
C ASN A 479 -0.16 -21.37 19.82
N GLN A 480 0.75 -21.79 18.93
CA GLN A 480 0.82 -21.22 17.59
C GLN A 480 0.79 -22.34 16.54
N TYR A 481 0.23 -22.00 15.38
CA TYR A 481 0.01 -22.96 14.32
C TYR A 481 -0.08 -22.18 13.02
N THR A 482 0.63 -22.61 11.98
CA THR A 482 0.45 -22.08 10.63
C THR A 482 0.00 -23.21 9.73
N LYS A 483 -1.08 -22.97 8.98
CA LYS A 483 -1.61 -24.00 8.08
C LYS A 483 -0.59 -24.32 6.99
N PRO A 484 -0.35 -25.59 6.69
CA PRO A 484 0.48 -25.91 5.52
C PRO A 484 -0.14 -25.32 4.26
N ASP A 485 0.70 -24.97 3.30
CA ASP A 485 0.24 -24.44 2.01
C ASP A 485 1.17 -24.97 0.92
N GLU A 486 1.15 -24.32 -0.23
CA GLU A 486 1.97 -24.77 -1.35
C GLU A 486 3.44 -24.43 -1.19
N ASN A 487 3.80 -23.56 -0.25
CA ASN A 487 5.19 -23.14 -0.08
C ASN A 487 5.95 -23.93 0.98
N GLN A 488 5.33 -24.26 2.12
CA GLN A 488 5.90 -25.24 3.04
C GLN A 488 4.86 -26.30 3.36
N LYS A 489 5.25 -27.57 3.19
CA LYS A 489 4.42 -28.67 3.68
C LYS A 489 4.44 -28.72 5.20
N GLU A 490 5.59 -28.45 5.81
CA GLU A 490 5.73 -28.42 7.26
C GLU A 490 6.04 -26.99 7.66
N LYS A 491 5.23 -26.43 8.53
CA LYS A 491 5.42 -25.07 9.01
C LYS A 491 6.15 -25.13 10.35
N LYS A 492 7.05 -24.18 10.57
CA LYS A 492 7.82 -24.21 11.81
C LYS A 492 7.32 -23.12 12.75
N PRO A 493 7.49 -23.30 14.07
CA PRO A 493 7.09 -22.23 15.00
C PRO A 493 7.97 -20.99 14.80
N LEU A 494 7.33 -19.83 14.86
CA LEU A 494 8.00 -18.56 14.69
C LEU A 494 8.31 -17.91 16.05
N PHE A 495 9.18 -16.90 16.00
CA PHE A 495 9.44 -16.02 17.13
C PHE A 495 8.33 -14.98 17.17
N ILE A 496 7.37 -15.15 18.07
CA ILE A 496 6.18 -14.31 18.14
C ILE A 496 6.25 -13.48 19.41
N PRO A 497 6.40 -12.15 19.32
CA PRO A 497 6.34 -11.31 20.52
C PRO A 497 4.89 -10.95 20.86
N ILE A 498 4.48 -11.23 22.10
CA ILE A 498 3.10 -11.00 22.51
C ILE A 498 3.11 -9.92 23.60
N SER A 499 2.81 -8.69 23.20
N SER A 499 2.76 -8.70 23.20
CA SER A 499 2.68 -7.60 24.16
CA SER A 499 2.67 -7.60 24.15
C SER A 499 1.40 -7.82 24.94
C SER A 499 1.36 -7.76 24.92
N VAL A 500 1.50 -7.84 26.27
N VAL A 500 1.45 -7.83 26.25
CA VAL A 500 0.35 -8.19 27.11
CA VAL A 500 0.30 -8.22 27.06
C VAL A 500 0.19 -7.19 28.25
C VAL A 500 0.19 -7.31 28.29
N GLY A 501 -1.07 -7.02 28.66
CA GLY A 501 -1.37 -6.44 29.96
C GLY A 501 -2.37 -7.35 30.66
N LEU A 502 -2.60 -7.07 31.93
CA LEU A 502 -3.60 -7.78 32.71
C LEU A 502 -4.50 -6.73 33.35
N ILE A 503 -5.77 -6.77 33.02
CA ILE A 503 -6.72 -5.76 33.50
C ILE A 503 -7.48 -6.32 34.69
N ASN A 504 -7.54 -5.55 35.76
CA ASN A 504 -8.38 -5.92 36.91
C ASN A 504 -9.83 -5.64 36.51
N PRO A 505 -10.68 -6.66 36.44
CA PRO A 505 -12.05 -6.43 35.97
C PRO A 505 -12.91 -5.65 36.96
N GLU A 506 -12.44 -5.48 38.20
CA GLU A 506 -13.23 -4.75 39.19
C GLU A 506 -13.03 -3.23 39.10
N ASN A 507 -11.85 -2.76 38.66
CA ASN A 507 -11.61 -1.32 38.58
C ASN A 507 -10.95 -0.88 37.28
N GLY A 508 -10.74 -1.78 36.31
CA GLY A 508 -10.15 -1.42 35.05
C GLY A 508 -8.68 -1.11 35.08
N LYS A 509 -7.98 -1.40 36.17
CA LYS A 509 -6.63 -0.90 36.32
C LYS A 509 -5.61 -1.94 35.83
N GLU A 510 -4.43 -1.44 35.42
CA GLU A 510 -3.34 -2.32 35.04
C GLU A 510 -2.82 -3.09 36.25
N MET A 511 -2.42 -4.31 35.99
CA MET A 511 -2.15 -5.28 37.03
C MET A 511 -0.69 -5.68 37.03
N ILE A 512 -0.01 -5.53 35.89
CA ILE A 512 1.41 -5.79 35.74
C ILE A 512 2.03 -4.69 34.88
N SER A 513 3.35 -4.57 34.96
CA SER A 513 4.09 -3.65 34.12
C SER A 513 4.11 -4.14 32.69
N GLN A 514 4.57 -3.26 31.79
CA GLN A 514 4.72 -3.58 30.37
C GLN A 514 5.48 -4.88 30.19
N THR A 515 4.91 -5.78 29.40
CA THR A 515 5.46 -7.12 29.28
C THR A 515 5.28 -7.62 27.87
N THR A 516 6.36 -8.14 27.28
CA THR A 516 6.28 -8.75 25.96
C THR A 516 6.68 -10.20 26.12
N LEU A 517 5.71 -11.10 26.00
CA LEU A 517 6.01 -12.52 26.01
C LEU A 517 6.71 -12.91 24.71
N GLU A 518 7.78 -13.67 24.82
CA GLU A 518 8.49 -14.14 23.65
C GLU A 518 8.12 -15.61 23.44
N LEU A 519 7.18 -15.87 22.54
CA LEU A 519 6.77 -17.24 22.22
C LEU A 519 7.67 -17.74 21.09
N THR A 520 8.49 -18.74 21.38
CA THR A 520 9.41 -19.28 20.40
C THR A 520 9.17 -20.75 20.13
N LYS A 521 8.24 -21.38 20.82
CA LYS A 521 7.93 -22.78 20.62
C LYS A 521 6.51 -22.92 20.07
N GLU A 522 6.16 -24.16 19.72
CA GLU A 522 4.79 -24.42 19.28
C GLU A 522 3.80 -24.03 20.37
N SER A 523 4.21 -24.15 21.63
CA SER A 523 3.36 -23.82 22.76
C SER A 523 4.22 -23.51 23.96
N ASP A 524 3.67 -22.71 24.86
CA ASP A 524 4.37 -22.36 26.09
C ASP A 524 3.33 -21.91 27.12
N THR A 525 3.70 -22.00 28.39
CA THR A 525 2.85 -21.54 29.48
C THR A 525 3.60 -20.43 30.20
N PHE A 526 2.96 -19.26 30.31
CA PHE A 526 3.53 -18.09 30.97
C PHE A 526 2.76 -17.87 32.27
N VAL A 527 3.47 -17.94 33.39
CA VAL A 527 2.88 -17.86 34.73
C VAL A 527 3.24 -16.53 35.37
N PHE A 528 2.30 -15.97 36.12
CA PHE A 528 2.47 -14.69 36.80
C PHE A 528 2.07 -14.88 38.26
N ASN A 529 2.95 -14.51 39.17
CA ASN A 529 2.65 -14.60 40.59
C ASN A 529 2.14 -13.25 41.12
N ASN A 530 1.60 -13.29 42.34
CA ASN A 530 1.09 -12.11 43.02
C ASN A 530 0.10 -11.36 42.14
N ILE A 531 -0.82 -12.11 41.54
CA ILE A 531 -1.94 -11.56 40.80
C ILE A 531 -3.15 -11.65 41.73
N ALA A 532 -3.62 -10.48 42.20
CA ALA A 532 -4.46 -10.43 43.38
C ALA A 532 -5.87 -10.92 43.13
N VAL A 533 -6.34 -10.80 41.89
CA VAL A 533 -7.68 -11.20 41.51
C VAL A 533 -7.55 -11.75 40.10
N LYS A 534 -8.56 -12.48 39.66
CA LYS A 534 -8.53 -13.05 38.31
C LYS A 534 -8.59 -11.92 37.29
N PRO A 535 -7.59 -11.77 36.41
CA PRO A 535 -7.59 -10.66 35.46
C PRO A 535 -8.31 -11.03 34.17
N ILE A 536 -8.51 -10.02 33.34
CA ILE A 536 -8.84 -10.20 31.94
C ILE A 536 -7.56 -9.88 31.16
N PRO A 537 -7.04 -10.81 30.36
CA PRO A 537 -5.81 -10.52 29.62
C PRO A 537 -6.05 -9.62 28.42
N SER A 538 -5.14 -8.67 28.25
CA SER A 538 -5.11 -7.73 27.14
C SER A 538 -3.99 -8.24 26.24
N LEU A 539 -4.36 -8.92 25.15
CA LEU A 539 -3.38 -9.71 24.38
C LEU A 539 -3.04 -9.07 23.04
N PHE A 540 -1.74 -9.10 22.69
CA PHE A 540 -1.23 -8.53 21.44
C PHE A 540 -1.49 -7.02 21.36
N ARG A 541 -1.16 -6.32 22.45
CA ARG A 541 -1.31 -4.88 22.50
C ARG A 541 -0.56 -4.24 21.33
N GLY A 542 -1.19 -3.23 20.72
CA GLY A 542 -0.61 -2.63 19.53
C GLY A 542 -0.63 -3.50 18.30
N PHE A 543 -1.31 -4.65 18.36
CA PHE A 543 -1.23 -5.74 17.38
C PHE A 543 0.24 -6.13 17.16
N SER A 544 0.80 -6.80 18.17
CA SER A 544 2.25 -6.95 18.23
C SER A 544 2.81 -8.05 17.34
N ALA A 545 1.98 -8.81 16.64
CA ALA A 545 2.50 -9.78 15.68
C ALA A 545 1.42 -9.99 14.63
N PRO A 546 1.81 -10.24 13.38
CA PRO A 546 0.82 -10.37 12.28
C PRO A 546 0.20 -11.77 12.24
N VAL A 547 -0.79 -12.00 13.10
CA VAL A 547 -1.32 -13.33 13.34
C VAL A 547 -2.83 -13.26 13.47
N TYR A 548 -3.47 -14.44 13.33
CA TYR A 548 -4.85 -14.63 13.74
C TYR A 548 -4.89 -14.80 15.26
N ILE A 549 -5.54 -13.87 15.96
CA ILE A 549 -5.64 -13.93 17.42
C ILE A 549 -6.91 -14.67 17.80
N GLU A 550 -6.79 -15.75 18.57
CA GLU A 550 -7.95 -16.48 19.07
C GLU A 550 -7.93 -16.32 20.59
N ASP A 551 -8.62 -15.28 21.10
CA ASP A 551 -8.43 -14.88 22.50
C ASP A 551 -9.19 -15.77 23.48
N GLN A 552 -10.16 -16.55 23.01
CA GLN A 552 -10.91 -17.49 23.86
C GLN A 552 -11.56 -16.77 25.04
N LEU A 553 -11.87 -15.49 24.87
CA LEU A 553 -12.53 -14.71 25.92
C LEU A 553 -14.04 -14.75 25.71
N THR A 554 -14.78 -14.58 26.80
CA THR A 554 -16.22 -14.43 26.68
C THR A 554 -16.57 -13.03 26.17
N ASP A 555 -17.80 -12.88 25.67
CA ASP A 555 -18.19 -11.55 25.25
C ASP A 555 -18.25 -10.59 26.44
N GLU A 556 -18.56 -11.11 27.64
CA GLU A 556 -18.53 -10.27 28.83
C GLU A 556 -17.12 -9.74 29.07
N GLU A 557 -16.12 -10.62 28.95
CA GLU A 557 -14.72 -10.18 29.10
C GLU A 557 -14.35 -9.19 28.01
N ARG A 558 -14.74 -9.46 26.76
CA ARG A 558 -14.39 -8.55 25.68
C ARG A 558 -15.05 -7.19 25.87
N ILE A 559 -16.27 -7.17 26.38
CA ILE A 559 -16.93 -5.89 26.64
C ILE A 559 -16.15 -5.10 27.68
N LEU A 560 -15.67 -5.77 28.74
CA LEU A 560 -14.91 -5.07 29.76
C LEU A 560 -13.63 -4.50 29.17
N LEU A 561 -12.96 -5.24 28.28
CA LEU A 561 -11.76 -4.69 27.65
C LEU A 561 -12.11 -3.49 26.77
N LEU A 562 -13.16 -3.64 25.96
CA LEU A 562 -13.60 -2.55 25.08
C LEU A 562 -13.86 -1.28 25.89
N LYS A 563 -14.41 -1.43 27.10
CA LYS A 563 -14.72 -0.23 27.87
C LYS A 563 -13.50 0.27 28.64
N TYR A 564 -12.68 -0.63 29.17
CA TYR A 564 -11.73 -0.25 30.21
C TYR A 564 -10.26 -0.46 29.88
N ASP A 565 -9.93 -1.22 28.86
CA ASP A 565 -8.52 -1.46 28.54
C ASP A 565 -7.82 -0.15 28.14
N SER A 566 -6.51 -0.12 28.31
CA SER A 566 -5.69 1.03 27.94
C SER A 566 -5.22 0.97 26.50
N ASP A 567 -5.26 -0.18 25.87
CA ASP A 567 -4.64 -0.34 24.55
C ASP A 567 -5.71 -0.21 23.47
N ALA A 568 -5.51 0.74 22.54
CA ALA A 568 -6.53 0.97 21.51
C ALA A 568 -6.76 -0.26 20.66
N PHE A 569 -5.68 -0.95 20.25
CA PHE A 569 -5.90 -2.10 19.41
C PHE A 569 -6.69 -3.19 20.14
N VAL A 570 -6.34 -3.48 21.40
CA VAL A 570 -7.06 -4.59 22.05
C VAL A 570 -8.53 -4.24 22.22
N ARG A 571 -8.84 -2.96 22.46
CA ARG A 571 -10.25 -2.55 22.57
C ARG A 571 -10.97 -2.77 21.25
N TYR A 572 -10.35 -2.29 20.16
CA TYR A 572 -10.88 -2.45 18.81
C TYR A 572 -10.98 -3.93 18.43
N ASN A 573 -9.99 -4.73 18.82
CA ASN A 573 -10.03 -6.15 18.49
C ASN A 573 -11.09 -6.87 19.31
N SER A 574 -11.27 -6.47 20.56
CA SER A 574 -12.32 -7.10 21.36
C SER A 574 -13.69 -6.84 20.72
N CYS A 575 -13.91 -5.60 20.29
CA CYS A 575 -15.12 -5.27 19.54
C CYS A 575 -15.22 -6.10 18.28
N THR A 576 -14.13 -6.15 17.50
CA THR A 576 -14.09 -6.97 16.29
C THR A 576 -14.50 -8.41 16.59
N ASN A 577 -13.99 -8.97 17.69
CA ASN A 577 -14.24 -10.37 18.02
C ASN A 577 -15.70 -10.60 18.43
N ILE A 578 -16.29 -9.66 19.16
CA ILE A 578 -17.72 -9.75 19.48
C ILE A 578 -18.54 -9.74 18.19
N TYR A 579 -18.21 -8.84 17.27
CA TYR A 579 -18.91 -8.77 15.99
C TYR A 579 -18.75 -10.08 15.22
N MET A 580 -17.53 -10.61 15.19
CA MET A 580 -17.29 -11.84 14.43
C MET A 580 -18.10 -13.01 14.98
N LYS A 581 -18.17 -13.16 16.31
CA LYS A 581 -18.98 -14.23 16.88
C LYS A 581 -20.44 -14.09 16.44
N GLN A 582 -20.96 -12.86 16.47
CA GLN A 582 -22.34 -12.61 16.07
C GLN A 582 -22.54 -12.90 14.58
N ILE A 583 -21.62 -12.43 13.74
CA ILE A 583 -21.71 -12.63 12.30
C ILE A 583 -21.71 -14.13 11.96
N LEU A 584 -20.80 -14.89 12.56
CA LEU A 584 -20.76 -16.31 12.24
C LEU A 584 -22.04 -17.01 12.66
N MET A 585 -22.55 -16.67 13.84
CA MET A 585 -23.78 -17.28 14.33
CA MET A 585 -23.77 -17.29 14.33
C MET A 585 -24.96 -16.97 13.41
N ASN A 586 -25.18 -15.68 13.13
CA ASN A 586 -26.30 -15.29 12.28
C ASN A 586 -26.11 -15.81 10.86
N TYR A 587 -24.88 -15.78 10.35
CA TYR A 587 -24.62 -16.33 9.02
C TYR A 587 -25.10 -17.78 8.94
N ASN A 588 -24.73 -18.60 9.93
CA ASN A 588 -25.11 -20.00 9.91
CA ASN A 588 -25.11 -20.00 9.84
C ASN A 588 -26.62 -20.17 10.02
N GLU A 589 -27.28 -19.28 10.77
CA GLU A 589 -28.73 -19.38 10.92
C GLU A 589 -29.45 -19.02 9.62
N PHE A 590 -29.00 -17.95 8.94
CA PHE A 590 -29.56 -17.61 7.62
C PHE A 590 -29.26 -18.70 6.59
N LEU A 591 -28.03 -19.24 6.63
CA LEU A 591 -27.65 -20.29 5.68
C LEU A 591 -28.52 -21.53 5.83
N LYS A 592 -28.75 -21.96 7.08
CA LYS A 592 -29.58 -23.14 7.31
C LYS A 592 -31.01 -22.91 6.83
N ALA A 593 -31.55 -21.70 7.06
CA ALA A 593 -32.92 -21.45 6.63
C ALA A 593 -33.03 -21.48 5.12
N LYS A 594 -32.01 -20.93 4.44
CA LYS A 594 -31.94 -20.97 2.98
C LYS A 594 -31.82 -22.41 2.48
N ASN A 595 -30.84 -23.14 3.02
CA ASN A 595 -30.61 -24.52 2.60
C ASN A 595 -31.84 -25.39 2.83
N GLU A 596 -32.45 -25.28 4.00
CA GLU A 596 -33.60 -26.11 4.33
C GLU A 596 -34.92 -25.51 3.86
N LYS A 597 -34.90 -24.36 3.20
CA LYS A 597 -36.12 -23.74 2.67
C LYS A 597 -37.17 -23.54 3.77
N LEU A 598 -36.71 -23.02 4.91
CA LEU A 598 -37.56 -22.87 6.08
C LEU A 598 -38.60 -21.77 5.88
N GLU A 599 -39.83 -22.04 6.30
CA GLU A 599 -40.88 -21.04 6.29
C GLU A 599 -40.78 -20.09 7.48
N SER A 600 -40.11 -20.50 8.55
CA SER A 600 -39.84 -19.63 9.68
C SER A 600 -38.62 -20.16 10.41
N PHE A 601 -37.97 -19.27 11.15
CA PHE A 601 -36.76 -19.64 11.86
C PHE A 601 -36.44 -18.49 12.80
N GLN A 602 -35.47 -18.72 13.68
CA GLN A 602 -35.05 -17.70 14.62
C GLN A 602 -33.62 -17.24 14.34
N LEU A 603 -33.35 -15.99 14.69
CA LEU A 603 -32.02 -15.42 14.65
C LEU A 603 -31.58 -15.05 16.06
N THR A 604 -30.32 -15.29 16.37
CA THR A 604 -29.79 -14.89 17.68
C THR A 604 -29.62 -13.37 17.72
N PRO A 605 -30.24 -12.67 18.65
CA PRO A 605 -30.07 -11.21 18.71
C PRO A 605 -28.64 -10.81 19.06
N VAL A 606 -28.32 -9.57 18.71
CA VAL A 606 -27.07 -8.96 19.12
C VAL A 606 -27.07 -8.81 20.64
N ASN A 607 -25.92 -9.07 21.26
CA ASN A 607 -25.75 -8.99 22.70
C ASN A 607 -26.13 -7.59 23.20
N ALA A 608 -27.10 -7.53 24.13
CA ALA A 608 -27.61 -6.24 24.58
C ALA A 608 -26.59 -5.46 25.37
N GLN A 609 -25.73 -6.15 26.12
CA GLN A 609 -24.69 -5.47 26.89
C GLN A 609 -23.60 -4.94 25.97
N PHE A 610 -23.39 -5.58 24.82
CA PHE A 610 -22.49 -5.04 23.80
C PHE A 610 -23.05 -3.73 23.25
N ILE A 611 -24.33 -3.71 22.89
CA ILE A 611 -24.96 -2.48 22.43
C ILE A 611 -24.86 -1.39 23.49
N ASP A 612 -25.10 -1.75 24.76
CA ASP A 612 -24.93 -0.80 25.87
C ASP A 612 -23.51 -0.23 25.92
N ALA A 613 -22.52 -1.08 25.65
CA ALA A 613 -21.13 -0.62 25.73
C ALA A 613 -20.80 0.31 24.58
N ILE A 614 -21.32 0.03 23.38
CA ILE A 614 -21.17 0.97 22.27
C ILE A 614 -21.76 2.32 22.65
N LYS A 615 -22.97 2.32 23.21
CA LYS A 615 -23.63 3.58 23.57
C LYS A 615 -22.81 4.35 24.60
N TYR A 616 -22.35 3.65 25.64
CA TYR A 616 -21.45 4.22 26.63
C TYR A 616 -20.25 4.91 25.99
N LEU A 617 -19.61 4.23 25.03
CA LEU A 617 -18.42 4.82 24.41
C LEU A 617 -18.80 6.01 23.52
N LEU A 618 -19.85 5.87 22.71
CA LEU A 618 -20.27 6.99 21.87
C LEU A 618 -20.61 8.22 22.70
N GLU A 619 -21.24 8.01 23.86
CA GLU A 619 -21.68 9.13 24.67
C GLU A 619 -20.56 9.72 25.53
N ASP A 620 -19.41 9.08 25.58
CA ASP A 620 -18.30 9.60 26.37
C ASP A 620 -17.67 10.77 25.62
N PRO A 621 -17.83 12.01 26.09
CA PRO A 621 -17.26 13.15 25.37
C PRO A 621 -15.74 13.18 25.38
N HIS A 622 -15.10 12.39 26.24
CA HIS A 622 -13.64 12.34 26.27
C HIS A 622 -13.08 11.22 25.42
N ALA A 623 -13.93 10.42 24.79
CA ALA A 623 -13.46 9.33 23.93
C ALA A 623 -13.18 9.85 22.52
N ASP A 624 -12.40 9.09 21.77
CA ASP A 624 -11.89 9.53 20.48
C ASP A 624 -12.87 9.29 19.33
N ALA A 625 -13.10 10.32 18.50
CA ALA A 625 -14.09 10.22 17.44
C ALA A 625 -13.71 9.18 16.40
N GLY A 626 -12.42 9.11 16.04
CA GLY A 626 -12.01 8.11 15.08
C GLY A 626 -12.24 6.69 15.59
N PHE A 627 -11.89 6.45 16.86
CA PHE A 627 -12.16 5.14 17.46
C PHE A 627 -13.66 4.83 17.46
N LYS A 628 -14.48 5.84 17.78
CA LYS A 628 -15.93 5.66 17.77
C LYS A 628 -16.42 5.19 16.41
N SER A 629 -15.87 5.74 15.32
CA SER A 629 -16.29 5.32 13.99
CA SER A 629 -16.27 5.32 13.99
C SER A 629 -15.94 3.87 13.71
N TYR A 630 -14.87 3.35 14.31
CA TYR A 630 -14.57 1.93 14.12
C TYR A 630 -15.56 1.04 14.87
N ILE A 631 -16.02 1.45 16.05
CA ILE A 631 -16.81 0.52 16.84
C ILE A 631 -18.24 0.36 16.29
N VAL A 632 -18.76 1.37 15.56
CA VAL A 632 -20.10 1.24 14.97
C VAL A 632 -20.05 0.61 13.59
N SER A 633 -18.87 0.21 13.11
CA SER A 633 -18.71 -0.40 11.80
C SER A 633 -18.42 -1.88 11.97
N LEU A 634 -19.15 -2.72 11.24
CA LEU A 634 -18.83 -4.14 11.26
C LEU A 634 -17.46 -4.36 10.61
N PRO A 635 -16.82 -5.48 10.93
CA PRO A 635 -15.55 -5.82 10.27
C PRO A 635 -15.73 -5.86 8.75
N GLN A 636 -14.66 -5.51 8.04
CA GLN A 636 -14.64 -5.54 6.58
C GLN A 636 -15.01 -6.91 6.05
N ASP A 637 -15.73 -6.92 4.91
CA ASP A 637 -16.06 -8.17 4.23
C ASP A 637 -14.83 -9.05 3.98
N ARG A 638 -13.72 -8.43 3.56
CA ARG A 638 -12.54 -9.25 3.31
C ARG A 638 -11.84 -9.72 4.58
N TYR A 639 -12.17 -9.14 5.74
CA TYR A 639 -11.75 -9.74 7.00
C TYR A 639 -12.65 -10.93 7.33
N ILE A 640 -13.98 -10.75 7.21
CA ILE A 640 -14.94 -11.80 7.53
C ILE A 640 -14.68 -13.05 6.72
N ILE A 641 -14.33 -12.89 5.44
CA ILE A 641 -14.30 -14.05 4.55
C ILE A 641 -13.18 -15.02 4.93
N ASN A 642 -12.17 -14.57 5.67
CA ASN A 642 -11.17 -15.51 6.17
C ASN A 642 -11.72 -16.51 7.18
N PHE A 643 -12.94 -16.32 7.67
CA PHE A 643 -13.47 -17.20 8.70
C PHE A 643 -14.66 -18.04 8.24
N VAL A 644 -15.02 -17.99 6.97
CA VAL A 644 -16.17 -18.71 6.43
C VAL A 644 -15.72 -19.51 5.21
N SER A 645 -16.05 -20.81 5.20
CA SER A 645 -15.86 -21.63 4.01
C SER A 645 -17.06 -21.47 3.09
N ASN A 646 -16.81 -21.55 1.78
CA ASN A 646 -17.88 -21.53 0.78
C ASN A 646 -18.85 -20.38 1.05
N LEU A 647 -18.30 -19.19 1.26
CA LEU A 647 -19.11 -18.05 1.67
C LEU A 647 -20.14 -17.68 0.63
N ASP A 648 -21.40 -17.68 1.03
CA ASP A 648 -22.51 -17.24 0.21
C ASP A 648 -22.64 -15.73 0.42
N THR A 649 -22.33 -14.94 -0.60
CA THR A 649 -22.26 -13.49 -0.39
C THR A 649 -23.63 -12.89 -0.10
N ASP A 650 -24.71 -13.51 -0.59
CA ASP A 650 -26.04 -13.00 -0.28
C ASP A 650 -26.37 -13.24 1.18
N VAL A 651 -26.02 -14.43 1.70
CA VAL A 651 -26.27 -14.72 3.10
C VAL A 651 -25.44 -13.79 3.98
N LEU A 652 -24.20 -13.49 3.57
CA LEU A 652 -23.42 -12.54 4.36
C LEU A 652 -24.05 -11.16 4.32
N ALA A 653 -24.52 -10.72 3.15
CA ALA A 653 -25.22 -9.43 3.08
C ALA A 653 -26.43 -9.41 4.01
N ASP A 654 -27.21 -10.51 4.05
CA ASP A 654 -28.36 -10.56 4.94
C ASP A 654 -27.94 -10.52 6.41
N THR A 655 -26.81 -11.17 6.72
CA THR A 655 -26.28 -11.19 8.08
C THR A 655 -25.90 -9.79 8.54
N LYS A 656 -25.13 -9.07 7.72
CA LYS A 656 -24.72 -7.72 8.07
C LYS A 656 -25.93 -6.82 8.23
N GLU A 657 -26.89 -6.94 7.32
CA GLU A 657 -28.09 -6.10 7.40
C GLU A 657 -28.85 -6.32 8.69
N TYR A 658 -29.04 -7.58 9.09
CA TYR A 658 -29.71 -7.88 10.36
C TYR A 658 -28.96 -7.26 11.53
N ILE A 659 -27.64 -7.42 11.57
CA ILE A 659 -26.86 -6.97 12.73
C ILE A 659 -26.87 -5.43 12.80
N TYR A 660 -26.68 -4.77 11.66
CA TYR A 660 -26.76 -3.31 11.65
C TYR A 660 -28.15 -2.82 12.08
N LYS A 661 -29.20 -3.52 11.64
CA LYS A 661 -30.57 -3.11 12.00
C LYS A 661 -30.83 -3.31 13.48
N GLN A 662 -30.33 -4.43 14.03
CA GLN A 662 -30.43 -4.71 15.47
C GLN A 662 -29.83 -3.57 16.30
N ILE A 663 -28.63 -3.12 15.91
CA ILE A 663 -27.95 -2.10 16.70
C ILE A 663 -28.62 -0.73 16.49
N GLY A 664 -28.97 -0.42 15.24
CA GLY A 664 -29.60 0.86 14.96
C GLY A 664 -30.97 0.99 15.61
N ASP A 665 -31.72 -0.10 15.69
CA ASP A 665 -33.00 -0.07 16.37
C ASP A 665 -32.86 0.38 17.82
N LYS A 666 -31.68 0.17 18.42
CA LYS A 666 -31.44 0.66 19.77
C LYS A 666 -30.75 2.02 19.80
N LEU A 667 -29.84 2.31 18.87
CA LEU A 667 -28.94 3.44 19.02
C LEU A 667 -29.15 4.58 18.02
N ASN A 668 -30.11 4.49 17.09
CA ASN A 668 -30.25 5.53 16.07
C ASN A 668 -30.45 6.92 16.67
N ASP A 669 -31.20 7.02 17.77
CA ASP A 669 -31.42 8.33 18.38
C ASP A 669 -30.11 8.88 18.92
N VAL A 670 -29.28 8.01 19.50
CA VAL A 670 -27.93 8.41 19.92
C VAL A 670 -27.11 8.83 18.70
N TYR A 671 -27.14 8.03 17.62
CA TYR A 671 -26.42 8.39 16.40
C TYR A 671 -26.84 9.77 15.90
N TYR A 672 -28.16 10.02 15.83
CA TYR A 672 -28.65 11.29 15.32
C TYR A 672 -28.18 12.45 16.21
N LYS A 673 -28.33 12.29 17.52
CA LYS A 673 -27.93 13.35 18.44
C LYS A 673 -26.45 13.69 18.27
N MET A 674 -25.61 12.67 18.10
CA MET A 674 -24.18 12.89 17.94
C MET A 674 -23.86 13.53 16.60
N PHE A 675 -24.48 13.05 15.52
CA PHE A 675 -24.33 13.70 14.22
C PHE A 675 -24.58 15.20 14.33
N LYS A 676 -25.63 15.60 15.07
CA LYS A 676 -25.95 17.02 15.19
C LYS A 676 -24.95 17.75 16.08
N SER A 677 -24.55 17.16 17.20
CA SER A 677 -23.68 17.87 18.12
C SER A 677 -22.23 17.94 17.66
N LEU A 678 -21.82 17.02 16.78
CA LEU A 678 -20.47 17.03 16.24
C LEU A 678 -20.29 18.11 15.16
N GLU A 679 -21.38 18.70 14.67
CA GLU A 679 -21.29 19.57 13.49
C GLU A 679 -20.33 20.73 13.71
N ALA A 680 -20.48 21.45 14.84
CA ALA A 680 -19.71 22.67 15.04
C ALA A 680 -18.21 22.42 14.93
N LYS A 681 -17.70 21.43 15.65
CA LYS A 681 -16.25 21.20 15.60
C LYS A 681 -15.82 20.45 14.34
N ALA A 682 -16.65 19.53 13.85
CA ALA A 682 -16.22 18.76 12.68
C ALA A 682 -16.07 19.64 11.45
N ASP A 683 -16.99 20.58 11.24
CA ASP A 683 -17.05 21.33 10.01
C ASP A 683 -16.50 22.74 10.15
N ASP A 684 -15.82 23.02 11.25
CA ASP A 684 -15.21 24.33 11.49
C ASP A 684 -14.40 24.77 10.29
N LEU A 685 -14.66 26.00 9.83
CA LEU A 685 -14.03 26.55 8.63
C LEU A 685 -12.88 27.50 8.94
N THR A 686 -12.49 27.66 10.21
CA THR A 686 -11.48 28.66 10.59
C THR A 686 -10.23 28.58 9.72
N TYR A 687 -9.81 27.37 9.37
CA TYR A 687 -8.56 27.19 8.62
C TYR A 687 -8.80 26.63 7.23
N PHE A 688 -10.02 26.75 6.71
CA PHE A 688 -10.33 26.25 5.37
C PHE A 688 -9.38 26.80 4.31
N ASN A 689 -8.94 28.05 4.44
CA ASN A 689 -8.04 28.62 3.44
C ASN A 689 -6.59 28.65 3.89
N ASP A 690 -6.22 27.83 4.85
CA ASP A 690 -4.82 27.67 5.27
C ASP A 690 -4.46 26.23 4.94
N GLU A 691 -3.74 26.02 3.83
N GLU A 691 -3.72 26.06 3.85
CA GLU A 691 -3.41 24.67 3.39
CA GLU A 691 -3.40 24.72 3.35
C GLU A 691 -2.38 24.00 4.30
C GLU A 691 -2.26 24.07 4.14
N SER A 692 -1.73 24.74 5.17
CA SER A 692 -0.70 24.18 6.05
C SER A 692 -1.27 23.69 7.37
N HIS A 693 -2.54 23.96 7.64
CA HIS A 693 -3.18 23.65 8.91
C HIS A 693 -4.01 22.39 8.68
N VAL A 694 -3.51 21.25 9.15
CA VAL A 694 -4.20 19.98 8.98
C VAL A 694 -4.43 19.38 10.36
N ASP A 695 -5.68 19.08 10.65
CA ASP A 695 -6.11 18.67 11.99
C ASP A 695 -6.71 17.28 11.85
N PHE A 696 -5.93 16.25 12.22
CA PHE A 696 -6.39 14.88 12.04
C PHE A 696 -7.53 14.51 12.97
N ASP A 697 -7.63 15.14 14.16
CA ASP A 697 -8.80 14.86 14.98
CA ASP A 697 -8.80 14.86 14.98
C ASP A 697 -10.06 15.44 14.36
N GLN A 698 -9.98 16.67 13.83
CA GLN A 698 -11.16 17.23 13.17
C GLN A 698 -11.60 16.35 12.02
N MET A 699 -10.66 15.85 11.21
CA MET A 699 -11.07 14.97 10.13
C MET A 699 -11.68 13.68 10.65
N ASN A 700 -11.20 13.18 11.80
CA ASN A 700 -11.84 12.01 12.40
C ASN A 700 -13.26 12.30 12.87
N MET A 701 -13.53 13.52 13.34
CA MET A 701 -14.91 13.86 13.68
C MET A 701 -15.79 13.88 12.44
N ARG A 702 -15.25 14.35 11.31
CA ARG A 702 -16.01 14.25 10.07
C ARG A 702 -16.23 12.80 9.66
N THR A 703 -15.20 11.96 9.81
CA THR A 703 -15.39 10.53 9.54
C THR A 703 -16.53 9.96 10.37
N LEU A 704 -16.55 10.27 11.67
CA LEU A 704 -17.61 9.80 12.54
C LEU A 704 -18.98 10.32 12.08
N ARG A 705 -19.08 11.62 11.78
CA ARG A 705 -20.35 12.16 11.31
C ARG A 705 -20.80 11.46 10.03
N ASN A 706 -19.87 11.23 9.12
CA ASN A 706 -20.25 10.63 7.83
C ASN A 706 -20.57 9.15 7.98
N THR A 707 -19.95 8.48 8.94
CA THR A 707 -20.33 7.10 9.25
C THR A 707 -21.71 7.04 9.87
N LEU A 708 -21.99 7.93 10.82
CA LEU A 708 -23.30 7.98 11.44
C LEU A 708 -24.38 8.36 10.43
N LEU A 709 -24.09 9.34 9.57
CA LEU A 709 -25.06 9.70 8.53
C LEU A 709 -25.40 8.50 7.65
N SER A 710 -24.39 7.73 7.24
CA SER A 710 -24.63 6.53 6.45
C SER A 710 -25.53 5.55 7.19
N LEU A 711 -25.25 5.31 8.47
CA LEU A 711 -26.09 4.40 9.25
C LEU A 711 -27.52 4.92 9.34
N LEU A 712 -27.70 6.21 9.57
CA LEU A 712 -29.05 6.75 9.70
C LEU A 712 -29.79 6.74 8.38
N SER A 713 -29.07 6.92 7.26
CA SER A 713 -29.74 6.92 5.96
C SER A 713 -30.18 5.53 5.56
N LYS A 714 -29.32 4.53 5.74
CA LYS A 714 -29.73 3.16 5.46
C LYS A 714 -30.95 2.80 6.29
N ALA A 715 -31.00 3.27 7.54
CA ALA A 715 -32.12 3.01 8.45
C ALA A 715 -33.38 3.77 8.07
N GLN A 716 -33.31 4.72 7.14
CA GLN A 716 -34.45 5.57 6.80
C GLN A 716 -34.96 6.29 8.04
N TYR A 717 -34.03 6.73 8.89
CA TYR A 717 -34.36 7.48 10.09
C TYR A 717 -35.25 8.68 9.73
N PRO A 718 -36.25 9.02 10.54
CA PRO A 718 -37.24 10.02 10.13
C PRO A 718 -36.60 11.35 9.75
N ASN A 719 -36.97 11.84 8.55
CA ASN A 719 -36.56 13.14 8.03
C ASN A 719 -35.06 13.28 7.83
N ILE A 720 -34.31 12.17 7.79
CA ILE A 720 -32.85 12.26 7.59
C ILE A 720 -32.50 12.87 6.22
N LEU A 721 -33.39 12.79 5.24
CA LEU A 721 -33.14 13.42 3.95
C LEU A 721 -32.88 14.91 4.10
N ASN A 722 -33.57 15.57 5.04
CA ASN A 722 -33.27 16.97 5.34
C ASN A 722 -31.80 17.15 5.67
N GLU A 723 -31.25 16.27 6.51
CA GLU A 723 -29.85 16.37 6.89
C GLU A 723 -28.94 16.10 5.71
N ILE A 724 -29.34 15.15 4.86
CA ILE A 724 -28.54 14.81 3.68
C ILE A 724 -28.44 15.99 2.73
N ILE A 725 -29.56 16.68 2.48
CA ILE A 725 -29.58 17.82 1.58
C ILE A 725 -28.73 18.95 2.14
N GLU A 726 -28.86 19.23 3.43
CA GLU A 726 -28.02 20.24 4.07
C GLU A 726 -26.56 19.86 4.00
N HIS A 727 -26.25 18.58 4.21
CA HIS A 727 -24.88 18.09 4.14
C HIS A 727 -24.27 18.35 2.76
N SER A 728 -25.09 18.29 1.71
CA SER A 728 -24.61 18.48 0.35
C SER A 728 -24.14 19.90 0.08
N LYS A 729 -24.44 20.84 0.96
CA LYS A 729 -24.03 22.23 0.81
C LYS A 729 -22.77 22.54 1.60
N SER A 730 -22.19 21.56 2.29
CA SER A 730 -20.96 21.76 3.02
C SER A 730 -19.81 22.10 2.08
N PRO A 731 -18.89 22.97 2.49
CA PRO A 731 -17.69 23.25 1.66
C PRO A 731 -16.72 22.07 1.58
N TYR A 732 -16.81 21.09 2.49
CA TYR A 732 -15.85 19.99 2.54
C TYR A 732 -16.25 18.87 1.59
N PRO A 733 -15.42 18.53 0.60
CA PRO A 733 -15.74 17.38 -0.28
C PRO A 733 -16.03 16.07 0.45
N SER A 734 -15.36 15.76 1.56
CA SER A 734 -15.73 14.56 2.30
C SER A 734 -17.21 14.57 2.66
N ASN A 735 -17.72 15.75 3.02
CA ASN A 735 -19.13 15.86 3.39
C ASN A 735 -20.03 15.80 2.18
N TRP A 736 -19.76 16.62 1.13
CA TRP A 736 -20.75 16.65 0.07
C TRP A 736 -20.69 15.40 -0.81
N LEU A 737 -19.54 14.72 -0.90
CA LEU A 737 -19.51 13.42 -1.56
C LEU A 737 -20.21 12.35 -0.70
N THR A 738 -20.07 12.42 0.62
CA THR A 738 -20.89 11.54 1.47
C THR A 738 -22.37 11.76 1.19
N SER A 739 -22.79 13.01 0.95
CA SER A 739 -24.21 13.25 0.74
C SER A 739 -24.69 12.53 -0.52
N LEU A 740 -23.85 12.44 -1.54
CA LEU A 740 -24.18 11.63 -2.72
C LEU A 740 -24.38 10.16 -2.33
N SER A 741 -23.40 9.54 -1.68
CA SER A 741 -23.54 8.10 -1.45
C SER A 741 -24.70 7.78 -0.51
N VAL A 742 -24.90 8.55 0.56
CA VAL A 742 -26.02 8.20 1.44
C VAL A 742 -27.37 8.54 0.82
N SER A 743 -27.41 9.46 -0.15
CA SER A 743 -28.67 9.74 -0.85
C SER A 743 -29.12 8.59 -1.74
N ALA A 744 -28.28 7.57 -1.94
CA ALA A 744 -28.65 6.41 -2.74
C ALA A 744 -29.97 5.79 -2.30
N TYR A 745 -30.26 5.85 -1.00
CA TYR A 745 -31.50 5.30 -0.44
C TYR A 745 -32.71 6.22 -0.60
N PHE A 746 -32.61 7.29 -1.40
CA PHE A 746 -33.68 8.27 -1.50
C PHE A 746 -33.90 8.65 -2.96
N ASP A 747 -35.05 9.30 -3.21
CA ASP A 747 -35.39 9.74 -4.55
C ASP A 747 -34.55 10.92 -5.02
N LYS A 748 -33.69 11.48 -4.17
CA LYS A 748 -32.87 12.62 -4.51
C LYS A 748 -31.50 12.25 -5.06
N TYR A 749 -31.22 10.94 -5.22
CA TYR A 749 -29.88 10.51 -5.60
C TYR A 749 -29.40 11.18 -6.88
N PHE A 750 -30.20 11.12 -7.96
CA PHE A 750 -29.68 11.65 -9.22
C PHE A 750 -29.63 13.17 -9.21
N GLU A 751 -30.47 13.83 -8.39
CA GLU A 751 -30.30 15.26 -8.16
C GLU A 751 -28.92 15.55 -7.57
N LEU A 752 -28.53 14.77 -6.56
CA LEU A 752 -27.23 14.99 -5.95
C LEU A 752 -26.10 14.50 -6.85
N TYR A 753 -26.37 13.46 -7.65
CA TYR A 753 -25.43 13.01 -8.67
C TYR A 753 -25.03 14.18 -9.58
N ASP A 754 -26.02 14.89 -10.11
CA ASP A 754 -25.74 16.01 -11.00
C ASP A 754 -25.10 17.17 -10.25
N LYS A 755 -25.60 17.48 -9.04
CA LYS A 755 -25.02 18.59 -8.28
C LYS A 755 -23.54 18.33 -8.01
N THR A 756 -23.21 17.13 -7.51
CA THR A 756 -21.83 16.86 -7.13
C THR A 756 -20.93 16.67 -8.34
N TYR A 757 -21.47 16.16 -9.46
CA TYR A 757 -20.70 16.14 -10.70
C TYR A 757 -20.26 17.55 -11.10
N LYS A 758 -21.20 18.48 -11.09
CA LYS A 758 -20.86 19.87 -11.42
C LYS A 758 -19.79 20.42 -10.50
N LEU A 759 -19.83 20.06 -9.21
CA LEU A 759 -18.79 20.51 -8.28
C LEU A 759 -17.45 19.83 -8.55
N SER A 760 -17.44 18.66 -9.16
CA SER A 760 -16.22 17.87 -9.30
C SER A 760 -15.57 17.96 -10.67
N LYS A 761 -16.31 18.37 -11.71
CA LYS A 761 -15.87 18.07 -13.07
C LYS A 761 -14.67 18.89 -13.52
N ASP A 762 -14.35 20.00 -12.86
CA ASP A 762 -13.26 20.87 -13.31
C ASP A 762 -11.98 20.67 -12.52
N ASP A 763 -11.91 19.67 -11.64
CA ASP A 763 -10.65 19.30 -11.00
C ASP A 763 -10.43 17.82 -11.28
N GLU A 764 -9.31 17.51 -11.94
CA GLU A 764 -9.05 16.15 -12.39
C GLU A 764 -9.19 15.14 -11.26
N LEU A 765 -8.58 15.46 -10.11
CA LEU A 765 -8.53 14.50 -9.01
C LEU A 765 -9.87 14.43 -8.30
N LEU A 766 -10.53 15.59 -8.12
CA LEU A 766 -11.86 15.58 -7.52
C LEU A 766 -12.83 14.79 -8.36
N LEU A 767 -12.73 14.90 -9.69
CA LEU A 767 -13.60 14.10 -10.54
C LEU A 767 -13.39 12.61 -10.29
N GLN A 768 -12.13 12.20 -10.08
CA GLN A 768 -11.87 10.80 -9.80
C GLN A 768 -12.49 10.39 -8.46
N GLU A 769 -12.47 11.28 -7.46
CA GLU A 769 -13.16 11.00 -6.20
C GLU A 769 -14.67 10.87 -6.41
N TRP A 770 -15.24 11.74 -7.26
CA TRP A 770 -16.65 11.63 -7.59
C TRP A 770 -16.93 10.27 -8.24
N LEU A 771 -16.10 9.87 -9.21
CA LEU A 771 -16.27 8.56 -9.84
C LEU A 771 -16.28 7.44 -8.81
N LYS A 772 -15.32 7.46 -7.88
CA LYS A 772 -15.30 6.46 -6.81
C LYS A 772 -16.59 6.46 -6.01
N THR A 773 -17.10 7.65 -5.69
CA THR A 773 -18.31 7.76 -4.87
C THR A 773 -19.51 7.16 -5.58
N VAL A 774 -19.63 7.43 -6.89
CA VAL A 774 -20.70 6.85 -7.68
C VAL A 774 -20.53 5.34 -7.74
N SER A 775 -19.31 4.90 -8.03
CA SER A 775 -19.00 3.48 -8.17
C SER A 775 -19.41 2.69 -6.93
N ARG A 776 -19.17 3.21 -5.74
CA ARG A 776 -19.53 2.42 -4.57
C ARG A 776 -20.90 2.77 -4.02
N SER A 777 -21.69 3.57 -4.74
CA SER A 777 -23.06 3.87 -4.28
C SER A 777 -23.90 2.62 -4.16
N ASP A 778 -24.66 2.53 -3.07
CA ASP A 778 -25.50 1.34 -2.84
C ASP A 778 -26.80 1.51 -3.60
N ARG A 779 -26.72 1.27 -4.92
CA ARG A 779 -27.82 1.50 -5.85
C ARG A 779 -28.26 0.18 -6.46
N LYS A 780 -29.57 -0.05 -6.48
CA LYS A 780 -30.09 -1.22 -7.18
C LYS A 780 -29.81 -1.13 -8.67
N ASP A 781 -29.76 0.09 -9.23
CA ASP A 781 -29.46 0.28 -10.65
C ASP A 781 -27.98 0.54 -10.91
N ILE A 782 -27.07 -0.02 -10.09
CA ILE A 782 -25.65 0.30 -10.22
C ILE A 782 -25.09 -0.10 -11.58
N TYR A 783 -25.59 -1.18 -12.19
CA TYR A 783 -25.05 -1.58 -13.48
C TYR A 783 -25.39 -0.57 -14.57
N GLU A 784 -26.61 -0.04 -14.54
CA GLU A 784 -26.97 1.03 -15.48
C GLU A 784 -26.18 2.29 -15.20
N ILE A 785 -25.90 2.57 -13.92
CA ILE A 785 -25.11 3.74 -13.57
C ILE A 785 -23.67 3.59 -14.07
N LEU A 786 -23.09 2.40 -13.93
CA LEU A 786 -21.74 2.19 -14.45
C LEU A 786 -21.68 2.39 -15.96
N LYS A 787 -22.70 1.92 -16.67
CA LYS A 787 -22.77 2.16 -18.11
C LYS A 787 -22.82 3.65 -18.40
N LYS A 788 -23.54 4.42 -17.58
CA LYS A 788 -23.62 5.86 -17.75
C LYS A 788 -22.26 6.52 -17.52
N LEU A 789 -21.53 6.09 -16.48
CA LEU A 789 -20.16 6.60 -16.29
C LEU A 789 -19.29 6.26 -17.49
N GLU A 790 -19.40 5.03 -17.99
CA GLU A 790 -18.63 4.62 -19.15
C GLU A 790 -18.89 5.54 -20.33
N ASN A 791 -20.17 5.82 -20.61
CA ASN A 791 -20.51 6.55 -21.83
C ASN A 791 -20.27 8.04 -21.71
N GLU A 792 -20.46 8.62 -20.52
CA GLU A 792 -20.44 10.07 -20.37
C GLU A 792 -19.17 10.63 -19.78
N VAL A 793 -18.42 9.86 -18.99
CA VAL A 793 -17.28 10.42 -18.26
C VAL A 793 -15.99 9.67 -18.57
N LEU A 794 -16.00 8.34 -18.37
CA LEU A 794 -14.77 7.56 -18.51
C LEU A 794 -14.35 7.48 -19.97
N LYS A 795 -15.26 7.05 -20.85
CA LYS A 795 -15.04 6.93 -22.29
C LYS A 795 -13.81 6.06 -22.53
N ASP A 796 -12.88 6.48 -23.39
CA ASP A 796 -11.72 5.72 -23.81
C ASP A 796 -10.48 6.05 -22.98
N SER A 797 -10.64 6.71 -21.83
CA SER A 797 -9.49 7.09 -21.02
C SER A 797 -8.57 5.91 -20.76
N LYS A 798 -7.27 6.16 -20.89
CA LYS A 798 -6.24 5.21 -20.50
C LYS A 798 -5.57 5.61 -19.19
N ASN A 799 -6.11 6.63 -18.51
CA ASN A 799 -5.59 7.06 -17.22
C ASN A 799 -5.88 6.02 -16.15
N PRO A 800 -4.88 5.43 -15.50
CA PRO A 800 -5.19 4.39 -14.49
C PRO A 800 -6.07 4.90 -13.36
N ASN A 801 -5.91 6.16 -12.94
CA ASN A 801 -6.77 6.68 -11.88
C ASN A 801 -8.23 6.66 -12.27
N ASP A 802 -8.53 6.94 -13.55
CA ASP A 802 -9.91 6.94 -14.03
C ASP A 802 -10.48 5.54 -14.02
N ILE A 803 -9.75 4.60 -14.62
CA ILE A 803 -10.22 3.22 -14.72
C ILE A 803 -10.42 2.62 -13.32
N ARG A 804 -9.42 2.79 -12.44
CA ARG A 804 -9.55 2.25 -11.09
C ARG A 804 -10.71 2.90 -10.33
N ALA A 805 -10.93 4.21 -10.54
CA ALA A 805 -12.01 4.89 -9.83
C ALA A 805 -13.37 4.35 -10.24
N VAL A 806 -13.56 4.05 -11.54
CA VAL A 806 -14.87 3.62 -12.01
C VAL A 806 -15.18 2.21 -11.55
N TYR A 807 -14.18 1.33 -11.53
CA TYR A 807 -14.50 -0.08 -11.36
C TYR A 807 -14.18 -0.67 -10.00
N LEU A 808 -13.10 -0.25 -9.33
CA LEU A 808 -12.73 -1.02 -8.14
C LEU A 808 -13.71 -0.84 -6.97
N PRO A 809 -14.21 0.36 -6.68
CA PRO A 809 -15.15 0.45 -5.55
C PRO A 809 -16.39 -0.39 -5.77
N PHE A 810 -16.89 -0.42 -7.01
CA PHE A 810 -18.03 -1.27 -7.35
C PHE A 810 -17.78 -2.73 -6.98
N THR A 811 -16.53 -3.21 -7.14
CA THR A 811 -16.28 -4.61 -6.83
C THR A 811 -16.43 -4.92 -5.34
N ASN A 812 -16.52 -3.92 -4.48
CA ASN A 812 -16.80 -4.17 -3.07
C ASN A 812 -18.28 -4.18 -2.74
N ASN A 813 -19.14 -3.99 -3.74
CA ASN A 813 -20.57 -4.07 -3.55
C ASN A 813 -20.94 -5.55 -3.39
N LEU A 814 -21.18 -5.96 -2.15
CA LEU A 814 -21.30 -7.38 -1.83
C LEU A 814 -22.50 -8.00 -2.53
N ARG A 815 -23.65 -7.32 -2.49
CA ARG A 815 -24.84 -7.85 -3.14
C ARG A 815 -24.76 -7.78 -4.67
N ARG A 816 -24.22 -6.68 -5.22
CA ARG A 816 -24.37 -6.48 -6.65
C ARG A 816 -23.19 -6.99 -7.48
N PHE A 817 -21.95 -6.73 -7.05
CA PHE A 817 -20.83 -7.24 -7.82
C PHE A 817 -20.89 -8.75 -7.91
N HIS A 818 -21.35 -9.40 -6.83
CA HIS A 818 -21.46 -10.85 -6.75
C HIS A 818 -22.82 -11.36 -7.19
N ASP A 819 -23.58 -10.57 -7.96
CA ASP A 819 -24.82 -11.03 -8.58
C ASP A 819 -24.65 -12.46 -9.12
N ILE A 820 -25.62 -13.31 -8.78
CA ILE A 820 -25.49 -14.74 -9.02
C ILE A 820 -25.43 -15.07 -10.51
N SER A 821 -25.86 -14.15 -11.38
CA SER A 821 -25.73 -14.37 -12.81
C SER A 821 -24.28 -14.38 -13.28
N GLY A 822 -23.36 -13.84 -12.48
CA GLY A 822 -22.00 -13.67 -12.92
C GLY A 822 -21.76 -12.40 -13.73
N LYS A 823 -22.76 -11.54 -13.88
CA LYS A 823 -22.62 -10.36 -14.75
C LYS A 823 -21.53 -9.42 -14.25
N GLY A 824 -21.34 -9.35 -12.93
CA GLY A 824 -20.30 -8.49 -12.39
C GLY A 824 -18.90 -9.03 -12.64
N TYR A 825 -18.73 -10.34 -12.49
CA TYR A 825 -17.46 -10.97 -12.86
C TYR A 825 -17.17 -10.78 -14.34
N LYS A 826 -18.20 -10.94 -15.17
CA LYS A 826 -18.04 -10.76 -16.62
C LYS A 826 -17.61 -9.34 -16.95
N LEU A 827 -18.22 -8.37 -16.26
CA LEU A 827 -17.91 -6.97 -16.52
C LEU A 827 -16.46 -6.64 -16.18
N ILE A 828 -15.99 -7.05 -14.98
CA ILE A 828 -14.62 -6.74 -14.59
C ILE A 828 -13.62 -7.50 -15.47
N ALA A 829 -13.93 -8.74 -15.83
CA ALA A 829 -13.03 -9.49 -16.72
C ALA A 829 -12.87 -8.82 -18.08
N GLU A 830 -13.97 -8.28 -18.64
CA GLU A 830 -13.85 -7.53 -19.88
C GLU A 830 -12.96 -6.31 -19.71
N VAL A 831 -13.10 -5.61 -18.58
CA VAL A 831 -12.26 -4.44 -18.32
C VAL A 831 -10.81 -4.85 -18.16
N ILE A 832 -10.55 -5.97 -17.51
CA ILE A 832 -9.16 -6.41 -17.33
C ILE A 832 -8.53 -6.73 -18.68
N THR A 833 -9.25 -7.49 -19.50
CA THR A 833 -8.72 -7.89 -20.81
C THR A 833 -8.52 -6.68 -21.72
N LYS A 834 -9.44 -5.71 -21.67
CA LYS A 834 -9.27 -4.48 -22.43
C LYS A 834 -8.07 -3.68 -21.94
N THR A 835 -7.92 -3.57 -20.62
CA THR A 835 -6.83 -2.79 -20.06
C THR A 835 -5.49 -3.44 -20.32
N ASP A 836 -5.45 -4.78 -20.29
CA ASP A 836 -4.21 -5.52 -20.50
C ASP A 836 -3.59 -5.23 -21.87
N LYS A 837 -4.38 -4.79 -22.85
CA LYS A 837 -3.83 -4.48 -24.17
C LYS A 837 -2.84 -3.32 -24.12
N PHE A 838 -3.00 -2.40 -23.16
CA PHE A 838 -2.10 -1.26 -23.11
C PHE A 838 -1.39 -1.08 -21.77
N ASN A 839 -1.88 -1.68 -20.68
CA ASN A 839 -1.24 -1.51 -19.37
C ASN A 839 -1.38 -2.79 -18.54
N PRO A 840 -0.46 -3.75 -18.71
CA PRO A 840 -0.55 -5.02 -17.96
C PRO A 840 -0.54 -4.85 -16.45
N MET A 841 0.26 -3.93 -15.90
CA MET A 841 0.24 -3.73 -14.46
C MET A 841 -1.15 -3.36 -13.94
N VAL A 842 -1.82 -2.39 -14.58
CA VAL A 842 -3.12 -1.99 -14.09
C VAL A 842 -4.14 -3.11 -14.33
N ALA A 843 -4.00 -3.84 -15.44
CA ALA A 843 -4.85 -5.01 -15.63
C ALA A 843 -4.74 -5.97 -14.45
N THR A 844 -3.54 -6.19 -13.93
CA THR A 844 -3.40 -7.11 -12.80
CA THR A 844 -3.42 -7.12 -12.81
C THR A 844 -4.01 -6.53 -11.53
N GLN A 845 -3.87 -5.22 -11.33
CA GLN A 845 -4.54 -4.57 -10.19
C GLN A 845 -6.04 -4.77 -10.26
N LEU A 846 -6.61 -4.76 -11.46
CA LEU A 846 -8.06 -4.89 -11.59
C LEU A 846 -8.52 -6.32 -11.36
N CYS A 847 -7.60 -7.28 -11.29
CA CYS A 847 -7.93 -8.64 -10.91
C CYS A 847 -8.24 -8.78 -9.42
N GLU A 848 -8.05 -7.73 -8.63
CA GLU A 848 -8.11 -7.89 -7.18
C GLU A 848 -9.37 -8.60 -6.68
N PRO A 849 -10.58 -8.32 -7.19
CA PRO A 849 -11.76 -9.04 -6.67
C PRO A 849 -11.69 -10.54 -6.84
N PHE A 850 -10.99 -11.05 -7.85
CA PHE A 850 -10.87 -12.48 -8.06
C PHE A 850 -9.98 -13.16 -7.02
N LYS A 851 -9.25 -12.43 -6.19
CA LYS A 851 -8.30 -13.10 -5.30
C LYS A 851 -8.98 -14.03 -4.31
N LEU A 852 -10.27 -13.83 -4.01
CA LEU A 852 -10.95 -14.68 -3.05
C LEU A 852 -11.80 -15.77 -3.70
N TRP A 853 -11.57 -16.03 -4.99
CA TRP A 853 -12.52 -16.83 -5.77
C TRP A 853 -12.80 -18.19 -5.14
N ASN A 854 -11.79 -18.85 -4.59
CA ASN A 854 -12.00 -20.19 -4.05
C ASN A 854 -12.52 -20.18 -2.62
N LYS A 855 -12.86 -19.00 -2.09
CA LYS A 855 -13.47 -18.88 -0.77
C LYS A 855 -14.99 -18.76 -0.82
N LEU A 856 -15.57 -18.63 -2.01
CA LEU A 856 -17.00 -18.38 -2.14
C LEU A 856 -17.78 -19.69 -2.32
N ASP A 857 -19.10 -19.58 -2.31
CA ASP A 857 -19.96 -20.74 -2.56
C ASP A 857 -19.68 -21.33 -3.94
N THR A 858 -20.09 -22.58 -4.11
CA THR A 858 -19.68 -23.38 -5.27
C THR A 858 -20.09 -22.73 -6.58
N LYS A 859 -21.29 -22.14 -6.64
CA LYS A 859 -21.72 -21.52 -7.89
C LYS A 859 -20.85 -20.32 -8.24
N ARG A 860 -20.55 -19.46 -7.27
CA ARG A 860 -19.75 -18.28 -7.56
C ARG A 860 -18.29 -18.64 -7.80
N GLN A 861 -17.76 -19.66 -7.12
CA GLN A 861 -16.43 -20.18 -7.47
C GLN A 861 -16.36 -20.50 -8.95
N GLU A 862 -17.36 -21.23 -9.44
CA GLU A 862 -17.36 -21.67 -10.83
C GLU A 862 -17.51 -20.48 -11.78
N LEU A 863 -18.32 -19.50 -11.40
CA LEU A 863 -18.49 -18.33 -12.26
C LEU A 863 -17.21 -17.54 -12.37
N MET A 864 -16.51 -17.35 -11.24
CA MET A 864 -15.25 -16.60 -11.29
C MET A 864 -14.18 -17.37 -12.05
N LEU A 865 -14.11 -18.68 -11.82
CA LEU A 865 -13.12 -19.51 -12.51
C LEU A 865 -13.33 -19.46 -14.02
N ASN A 866 -14.60 -19.50 -14.47
CA ASN A 866 -14.90 -19.40 -15.90
CA ASN A 866 -14.87 -19.41 -15.90
C ASN A 866 -14.33 -18.11 -16.50
N GLU A 867 -14.53 -16.98 -15.83
CA GLU A 867 -14.03 -15.70 -16.35
C GLU A 867 -12.52 -15.63 -16.34
N MET A 868 -11.90 -16.18 -15.30
CA MET A 868 -10.44 -16.23 -15.25
C MET A 868 -9.89 -17.11 -16.36
N ASN A 869 -10.54 -18.25 -16.64
CA ASN A 869 -10.07 -19.11 -17.72
C ASN A 869 -10.31 -18.46 -19.08
N THR A 870 -11.39 -17.70 -19.22
CA THR A 870 -11.61 -16.95 -20.45
C THR A 870 -10.52 -15.90 -20.65
N MET A 871 -10.19 -15.19 -19.58
CA MET A 871 -9.13 -14.19 -19.60
C MET A 871 -7.80 -14.84 -20.01
N LEU A 872 -7.51 -16.02 -19.46
CA LEU A 872 -6.26 -16.73 -19.74
C LEU A 872 -6.19 -17.19 -21.20
N GLN A 873 -7.33 -17.39 -21.84
CA GLN A 873 -7.33 -17.87 -23.21
C GLN A 873 -7.18 -16.74 -24.24
N GLU A 874 -7.07 -15.49 -23.80
CA GLU A 874 -6.91 -14.38 -24.74
C GLU A 874 -5.56 -14.47 -25.45
N PRO A 875 -5.52 -14.49 -26.79
CA PRO A 875 -4.23 -14.67 -27.47
C PRO A 875 -3.20 -13.61 -27.14
N GLN A 876 -3.62 -12.38 -26.87
CA GLN A 876 -2.66 -11.29 -26.69
C GLN A 876 -2.25 -11.07 -25.23
N ILE A 877 -2.64 -11.97 -24.32
CA ILE A 877 -2.46 -11.72 -22.88
C ILE A 877 -0.98 -11.43 -22.56
N SER A 878 -0.76 -10.42 -21.72
CA SER A 878 0.58 -10.06 -21.26
C SER A 878 1.17 -11.16 -20.39
N ASN A 879 2.50 -11.18 -20.29
CA ASN A 879 3.14 -12.05 -19.30
C ASN A 879 2.69 -11.72 -17.89
N ASN A 880 2.56 -10.43 -17.55
CA ASN A 880 2.13 -10.06 -16.19
C ASN A 880 0.78 -10.69 -15.87
N LEU A 881 -0.20 -10.50 -16.74
CA LEU A 881 -1.54 -10.99 -16.43
C LEU A 881 -1.60 -12.52 -16.47
N LYS A 882 -0.92 -13.13 -17.43
CA LYS A 882 -0.91 -14.58 -17.53
C LYS A 882 -0.30 -15.22 -16.27
N GLU A 883 0.89 -14.77 -15.85
CA GLU A 883 1.47 -15.32 -14.64
C GLU A 883 0.54 -15.16 -13.45
N TYR A 884 -0.07 -13.99 -13.31
CA TYR A 884 -0.92 -13.72 -12.16
C TYR A 884 -2.11 -14.66 -12.12
N LEU A 885 -2.80 -14.84 -13.26
CA LEU A 885 -3.97 -15.69 -13.29
C LEU A 885 -3.62 -17.17 -13.22
N LEU A 886 -2.46 -17.56 -13.76
CA LEU A 886 -2.02 -18.94 -13.64
C LEU A 886 -1.77 -19.31 -12.19
N ARG A 887 -1.08 -18.43 -11.45
CA ARG A 887 -0.87 -18.68 -10.03
C ARG A 887 -2.18 -18.65 -9.25
N LEU A 888 -3.04 -17.66 -9.56
CA LEU A 888 -4.31 -17.54 -8.82
C LEU A 888 -5.20 -18.75 -9.03
N THR A 889 -5.18 -19.36 -10.21
CA THR A 889 -6.05 -20.51 -10.50
C THR A 889 -5.34 -21.83 -10.32
N ASN A 890 -4.20 -21.86 -9.61
CA ASN A 890 -3.45 -23.09 -9.35
C ASN A 890 -3.10 -23.87 -10.61
N LYS A 891 -3.04 -23.23 -11.76
CA LYS A 891 -2.78 -23.94 -13.01
C LYS A 891 -1.32 -23.80 -13.39
#